data_5QTM
#
_entry.id   5QTM
#
_cell.length_a   49.270
_cell.length_b   59.808
_cell.length_c   80.068
_cell.angle_alpha   79.330
_cell.angle_beta   81.480
_cell.angle_gamma   75.660
#
_symmetry.space_group_name_H-M   'P 1'
#
loop_
_entity.id
_entity.type
_entity.pdbx_description
1 polymer 'ADP-sugar pyrophosphatase'
2 non-polymer 'MAGNESIUM ION'
3 non-polymer 'CHLORIDE ION'
4 non-polymer 7-fluoroquinazolin-4(3H)-one
5 non-polymer 1,2-ETHANEDIOL
6 water water
#
_entity_poly.entity_id   1
_entity_poly.type   'polypeptide(L)'
_entity_poly.pdbx_seq_one_letter_code
;SMESQEPTESSQNGKQYIISEELISEGKWVKLEKTTYMDPTGKTRTWESVKRTTRKEQTADGVAVIPVLQRTLHYECIVL
VKQFRPPMGGYCIEFPAGLIDDGETPEAAALRELEEETGYKGDIAECSPAVCMDPGLSNCTIHIVTVTINGDDAENARPK
PKPGDGEFVEVISLPKNDLLQRLDALVAEEHLTVDARVYSYALALKHAN
;
_entity_poly.pdbx_strand_id   A,B,C,D
#
loop_
_chem_comp.id
_chem_comp.type
_chem_comp.name
_chem_comp.formula
CL non-polymer 'CHLORIDE ION' 'Cl -1'
EDO non-polymer 1,2-ETHANEDIOL 'C2 H6 O2'
MG non-polymer 'MAGNESIUM ION' 'Mg 2'
PWA non-polymer 7-fluoroquinazolin-4(3H)-one 'C8 H5 F N2 O'
#
# COMPACT_ATOMS: atom_id res chain seq x y z
N LYS A 15 33.83 32.19 5.43
CA LYS A 15 33.91 33.67 5.64
C LYS A 15 33.01 34.10 6.81
N GLN A 16 31.81 33.53 6.93
CA GLN A 16 30.75 34.11 7.82
C GLN A 16 30.83 33.53 9.23
N TYR A 17 30.44 34.34 10.19
CA TYR A 17 30.50 33.97 11.63
C TYR A 17 29.59 34.89 12.43
N ILE A 18 29.34 34.48 13.66
CA ILE A 18 28.50 35.24 14.64
C ILE A 18 29.39 36.28 15.28
N ILE A 19 28.90 37.52 15.38
CA ILE A 19 29.54 38.66 16.10
C ILE A 19 28.97 38.75 17.52
N SER A 20 27.65 38.73 17.67
CA SER A 20 26.97 38.82 18.99
C SER A 20 25.61 38.13 18.95
N GLU A 21 25.12 37.69 20.11
CA GLU A 21 23.76 37.15 20.30
C GLU A 21 23.11 37.93 21.47
N GLU A 22 22.13 38.78 21.17
CA GLU A 22 21.41 39.64 22.14
C GLU A 22 20.06 38.99 22.44
N LEU A 23 19.80 38.67 23.71
CA LEU A 23 18.50 38.09 24.12
C LEU A 23 17.42 39.16 23.91
N ILE A 24 16.33 38.81 23.26
CA ILE A 24 15.16 39.72 23.09
C ILE A 24 14.09 39.31 24.11
N SER A 25 13.64 38.06 24.10
CA SER A 25 12.56 37.58 25.00
C SER A 25 12.87 36.14 25.41
N GLU A 26 12.87 35.86 26.72
CA GLU A 26 13.18 34.50 27.25
C GLU A 26 11.95 33.98 27.98
N GLY A 27 11.34 32.90 27.46
CA GLY A 27 10.32 32.12 28.16
C GLY A 27 10.96 31.04 29.02
N LYS A 28 10.13 30.12 29.51
CA LYS A 28 10.59 28.94 30.30
C LYS A 28 11.24 27.92 29.36
N TRP A 29 10.80 27.88 28.08
CA TRP A 29 11.08 26.79 27.09
C TRP A 29 11.73 27.31 25.81
N VAL A 30 11.43 28.55 25.40
CA VAL A 30 11.80 29.12 24.07
C VAL A 30 12.20 30.59 24.27
N LYS A 31 13.30 30.99 23.63
CA LYS A 31 13.75 32.40 23.65
C LYS A 31 13.96 32.90 22.21
N LEU A 32 13.83 34.21 22.04
CA LEU A 32 14.07 34.95 20.79
C LEU A 32 15.34 35.79 20.96
N GLU A 33 16.25 35.70 20.00
CA GLU A 33 17.56 36.39 20.07
C GLU A 33 17.72 37.26 18.82
N LYS A 34 18.46 38.36 18.98
CA LYS A 34 18.94 39.21 17.87
C LYS A 34 20.37 38.77 17.54
N THR A 35 20.57 38.18 16.36
CA THR A 35 21.88 37.63 15.94
C THR A 35 22.54 38.64 15.01
N THR A 36 23.73 39.08 15.38
CA THR A 36 24.60 39.91 14.53
C THR A 36 25.70 39.00 13.99
N TYR A 37 25.85 39.02 12.68
CA TYR A 37 26.83 38.16 11.98
C TYR A 37 27.51 38.95 10.87
N MET A 38 28.66 38.43 10.44
CA MET A 38 29.48 38.98 9.35
C MET A 38 29.05 38.30 8.06
N ASP A 39 28.58 39.06 7.07
CA ASP A 39 28.23 38.49 5.74
C ASP A 39 29.54 38.32 4.97
N PRO A 40 29.57 37.59 3.84
CA PRO A 40 30.83 37.28 3.19
C PRO A 40 31.41 38.47 2.38
N THR A 41 30.66 39.57 2.20
CA THR A 41 31.18 40.84 1.62
C THR A 41 32.02 41.59 2.66
N GLY A 42 31.97 41.17 3.93
CA GLY A 42 32.68 41.80 5.06
C GLY A 42 31.79 42.77 5.83
N LYS A 43 30.49 42.78 5.51
CA LYS A 43 29.45 43.67 6.09
C LYS A 43 28.67 42.98 7.23
N THR A 44 28.38 43.73 8.30
CA THR A 44 27.61 43.36 9.52
C THR A 44 26.11 43.29 9.16
N ARG A 45 25.45 42.17 9.43
CA ARG A 45 23.98 42.01 9.24
C ARG A 45 23.36 41.39 10.51
N THR A 46 22.03 41.49 10.64
CA THR A 46 21.32 40.90 11.80
C THR A 46 20.25 39.91 11.34
N TRP A 47 19.80 39.11 12.29
CA TRP A 47 18.84 38.00 12.06
C TRP A 47 18.05 37.78 13.35
N GLU A 48 16.77 37.52 13.24
CA GLU A 48 15.95 37.10 14.39
C GLU A 48 16.01 35.58 14.48
N SER A 49 16.55 35.07 15.57
CA SER A 49 16.87 33.65 15.81
C SER A 49 16.05 33.15 17.00
N VAL A 50 15.51 31.94 16.88
CA VAL A 50 14.83 31.19 17.98
C VAL A 50 15.77 30.14 18.55
N LYS A 51 15.78 30.00 19.86
CA LYS A 51 16.45 28.85 20.52
C LYS A 51 15.60 28.29 21.65
N ARG A 52 15.89 27.07 22.08
CA ARG A 52 15.29 26.52 23.31
C ARG A 52 16.12 26.93 24.52
N THR A 53 15.51 26.90 25.71
CA THR A 53 16.14 27.23 27.01
C THR A 53 16.72 25.96 27.64
N THR A 54 16.48 24.80 27.02
CA THR A 54 16.61 23.48 27.66
C THR A 54 17.91 22.73 27.28
N ARG A 55 18.73 23.29 26.38
CA ARG A 55 19.92 22.59 25.84
C ARG A 55 21.08 22.82 26.80
N LYS A 56 21.57 21.76 27.43
CA LYS A 56 22.76 21.79 28.34
C LYS A 56 23.97 21.29 27.54
N GLU A 57 24.44 20.08 27.82
CA GLU A 57 25.61 19.45 27.13
C GLU A 57 25.14 18.45 26.06
N GLN A 58 23.83 18.33 25.82
CA GLN A 58 23.29 17.37 24.81
C GLN A 58 23.88 17.73 23.43
N THR A 59 24.14 16.72 22.61
CA THR A 59 24.70 16.91 21.24
C THR A 59 23.61 17.49 20.34
N ALA A 60 22.37 17.57 20.87
CA ALA A 60 21.18 18.06 20.15
C ALA A 60 20.07 18.31 21.18
N ASP A 61 19.05 19.06 20.77
CA ASP A 61 17.86 19.29 21.61
C ASP A 61 17.12 17.96 21.84
N GLY A 62 16.94 17.21 20.78
CA GLY A 62 15.95 16.12 20.78
C GLY A 62 16.38 14.94 19.92
N VAL A 63 15.51 13.93 19.90
CA VAL A 63 15.62 12.80 18.98
C VAL A 63 14.28 12.68 18.28
N ALA A 64 14.31 12.17 17.09
CA ALA A 64 13.13 11.63 16.38
C ALA A 64 13.49 10.17 16.02
N VAL A 65 12.53 9.29 16.16
CA VAL A 65 12.78 7.85 16.01
C VAL A 65 12.12 7.40 14.69
N ILE A 66 12.87 6.70 13.86
CA ILE A 66 12.31 6.00 12.67
C ILE A 66 12.18 4.55 13.11
N PRO A 67 10.95 4.17 13.52
CA PRO A 67 10.73 2.86 14.13
C PRO A 67 10.16 1.90 13.08
N VAL A 68 10.98 0.93 12.70
CA VAL A 68 10.63 -0.05 11.64
C VAL A 68 10.12 -1.31 12.32
N LEU A 69 8.80 -1.51 12.27
CA LEU A 69 8.14 -2.62 12.97
C LEU A 69 8.20 -3.83 12.04
N GLN A 70 8.89 -4.88 12.49
CA GLN A 70 9.24 -6.08 11.67
C GLN A 70 8.54 -7.25 12.33
N ARG A 71 7.73 -7.99 11.55
CA ARG A 71 6.97 -9.16 12.04
C ARG A 71 6.92 -10.17 10.92
N THR A 72 7.01 -11.45 11.32
CA THR A 72 7.01 -12.60 10.37
C THR A 72 5.70 -12.56 9.58
N LEU A 73 5.80 -12.62 8.27
CA LEU A 73 4.67 -12.70 7.30
C LEU A 73 3.82 -11.43 7.37
N HIS A 74 4.44 -10.31 7.75
CA HIS A 74 3.87 -8.93 7.63
C HIS A 74 4.85 -8.06 6.83
N TYR A 75 4.34 -7.12 6.05
CA TYR A 75 5.15 -6.06 5.41
C TYR A 75 5.71 -5.18 6.53
N GLU A 76 6.94 -4.67 6.41
CA GLU A 76 7.53 -3.75 7.43
C GLU A 76 6.60 -2.54 7.58
N CYS A 77 6.35 -2.09 8.80
CA CYS A 77 5.58 -0.85 9.04
C CYS A 77 6.49 0.22 9.62
N ILE A 78 6.15 1.48 9.34
CA ILE A 78 6.76 2.66 10.01
C ILE A 78 5.75 3.07 11.08
N VAL A 79 6.21 3.13 12.32
CA VAL A 79 5.36 3.51 13.48
C VAL A 79 5.43 5.03 13.66
N LEU A 80 4.27 5.67 13.57
CA LEU A 80 4.10 7.13 13.63
C LEU A 80 3.19 7.44 14.81
N VAL A 81 3.24 8.67 15.27
CA VAL A 81 2.34 9.12 16.37
C VAL A 81 1.54 10.31 15.90
N LYS A 82 0.32 10.44 16.43
CA LYS A 82 -0.61 11.56 16.18
C LYS A 82 -0.89 12.23 17.52
N GLN A 83 -0.68 13.54 17.57
CA GLN A 83 -0.77 14.34 18.80
C GLN A 83 -1.30 15.72 18.47
N PHE A 84 -1.91 16.35 19.43
CA PHE A 84 -2.29 17.77 19.32
C PHE A 84 -1.01 18.57 19.58
N ARG A 85 -0.72 19.51 18.71
CA ARG A 85 0.45 20.41 18.78
C ARG A 85 -0.08 21.83 18.93
N PRO A 86 -0.01 22.40 20.15
CA PRO A 86 -0.48 23.76 20.37
C PRO A 86 0.04 24.76 19.34
N PRO A 87 1.35 24.81 18.97
CA PRO A 87 1.82 25.80 18.01
C PRO A 87 1.09 25.72 16.68
N MET A 88 0.66 24.54 16.28
CA MET A 88 -0.05 24.30 14.99
C MET A 88 -1.55 24.52 15.13
N GLY A 89 -2.11 24.53 16.34
CA GLY A 89 -3.57 24.53 16.59
C GLY A 89 -4.25 23.33 15.96
N GLY A 90 -3.63 22.15 16.00
CA GLY A 90 -4.22 20.94 15.44
C GLY A 90 -3.37 19.70 15.66
N TYR A 91 -3.85 18.58 15.14
CA TYR A 91 -3.23 17.24 15.20
C TYR A 91 -2.18 17.12 14.09
N CYS A 92 -1.09 16.45 14.46
CA CYS A 92 0.09 16.29 13.58
C CYS A 92 0.47 14.82 13.60
N ILE A 93 0.88 14.31 12.44
CA ILE A 93 1.44 12.94 12.37
C ILE A 93 2.96 13.06 12.23
N GLU A 94 3.69 12.47 13.16
CA GLU A 94 5.16 12.62 13.28
C GLU A 94 5.81 11.28 13.63
N PHE A 95 7.12 11.23 13.46
CA PHE A 95 7.98 10.21 14.10
C PHE A 95 7.88 10.44 15.60
N PRO A 96 7.84 9.37 16.41
CA PRO A 96 8.01 9.48 17.85
C PRO A 96 9.29 10.30 18.12
N ALA A 97 9.23 11.19 19.11
CA ALA A 97 10.24 12.23 19.31
C ALA A 97 10.07 12.80 20.71
N GLY A 98 11.19 13.23 21.30
CA GLY A 98 11.18 14.09 22.49
C GLY A 98 12.56 14.67 22.73
N LEU A 99 12.65 15.53 23.73
CA LEU A 99 13.93 16.20 24.06
C LEU A 99 14.86 15.18 24.73
N ILE A 100 16.16 15.36 24.62
CA ILE A 100 17.15 14.49 25.29
C ILE A 100 17.29 15.00 26.73
N ASP A 101 17.10 14.12 27.73
CA ASP A 101 17.26 14.49 29.17
C ASP A 101 18.74 14.82 29.40
N ASP A 102 19.06 15.72 30.35
CA ASP A 102 20.46 16.03 30.77
C ASP A 102 21.16 14.70 31.11
N GLY A 103 22.26 14.38 30.44
CA GLY A 103 23.09 13.20 30.73
C GLY A 103 22.67 11.98 29.94
N GLU A 104 21.59 12.09 29.18
CA GLU A 104 21.02 10.95 28.42
C GLU A 104 21.73 10.91 27.05
N THR A 105 22.01 9.72 26.53
CA THR A 105 22.52 9.55 25.15
C THR A 105 21.35 9.78 24.19
N PRO A 106 21.63 10.12 22.92
CA PRO A 106 20.57 10.16 21.90
C PRO A 106 19.88 8.80 21.77
N GLU A 107 20.63 7.70 21.81
CA GLU A 107 20.09 6.32 21.65
C GLU A 107 19.11 5.97 22.79
N ALA A 108 19.48 6.23 24.04
CA ALA A 108 18.63 5.96 25.22
C ALA A 108 17.37 6.84 25.13
N ALA A 109 17.53 8.11 24.77
CA ALA A 109 16.40 9.06 24.61
C ALA A 109 15.46 8.49 23.54
N ALA A 110 15.99 8.03 22.40
CA ALA A 110 15.20 7.45 21.28
C ALA A 110 14.42 6.22 21.76
N LEU A 111 15.12 5.25 22.38
CA LEU A 111 14.44 4.03 22.88
C LEU A 111 13.43 4.41 23.97
N ARG A 112 13.75 5.36 24.83
CA ARG A 112 12.85 5.74 25.93
C ARG A 112 11.60 6.42 25.35
N GLU A 113 11.79 7.43 24.51
CA GLU A 113 10.65 8.15 23.87
C GLU A 113 9.78 7.17 23.06
N LEU A 114 10.38 6.25 22.30
CA LEU A 114 9.61 5.24 21.54
C LEU A 114 8.74 4.41 22.48
N GLU A 115 9.29 3.90 23.59
CA GLU A 115 8.48 3.06 24.51
C GLU A 115 7.38 3.92 25.15
N GLU A 116 7.71 5.13 25.63
CA GLU A 116 6.73 6.04 26.28
C GLU A 116 5.59 6.40 25.33
N GLU A 117 5.89 6.67 24.07
CA GLU A 117 4.88 7.21 23.11
C GLU A 117 4.11 6.08 22.43
N THR A 118 4.71 4.90 22.23
CA THR A 118 4.09 3.81 21.42
C THR A 118 3.90 2.53 22.23
N GLY A 119 4.65 2.33 23.31
CA GLY A 119 4.65 1.02 24.00
C GLY A 119 5.71 0.07 23.48
N TYR A 120 6.22 0.27 22.26
CA TYR A 120 7.20 -0.64 21.66
C TYR A 120 8.58 -0.50 22.28
N LYS A 121 9.23 -1.64 22.45
CA LYS A 121 10.63 -1.80 22.88
C LYS A 121 11.47 -2.07 21.64
N GLY A 122 12.23 -1.07 21.22
CA GLY A 122 13.00 -1.14 19.97
C GLY A 122 14.41 -1.66 20.18
N ASP A 123 15.12 -1.88 19.08
CA ASP A 123 16.58 -2.19 19.03
C ASP A 123 17.23 -1.10 18.17
N ILE A 124 18.28 -0.45 18.67
CA ILE A 124 19.02 0.58 17.90
C ILE A 124 19.51 -0.03 16.59
N ALA A 125 19.35 0.66 15.46
CA ALA A 125 19.94 0.29 14.16
C ALA A 125 21.02 1.29 13.80
N GLU A 126 20.70 2.59 13.90
CA GLU A 126 21.49 3.71 13.34
C GLU A 126 21.21 4.98 14.16
N CYS A 127 22.18 5.89 14.20
CA CYS A 127 21.99 7.20 14.85
C CYS A 127 22.67 8.24 13.99
N SER A 128 21.91 9.22 13.52
CA SER A 128 22.42 10.33 12.70
C SER A 128 23.33 11.22 13.54
N PRO A 129 24.20 12.03 12.89
CA PRO A 129 24.70 13.23 13.54
C PRO A 129 23.55 14.19 13.86
N ALA A 130 23.83 15.21 14.67
CA ALA A 130 22.87 16.30 14.94
C ALA A 130 22.46 16.98 13.63
N VAL A 131 21.16 16.97 13.32
CA VAL A 131 20.58 17.58 12.08
C VAL A 131 19.62 18.73 12.44
N CYS A 132 19.54 19.76 11.60
CA CYS A 132 18.85 21.02 11.95
C CYS A 132 17.37 20.90 11.56
N MET A 133 16.51 21.36 12.45
CA MET A 133 15.04 21.32 12.34
C MET A 133 14.52 22.41 11.39
N ASP A 134 15.07 23.62 11.46
CA ASP A 134 14.53 24.74 10.64
C ASP A 134 15.55 25.87 10.72
N PRO A 135 16.69 25.75 9.99
CA PRO A 135 17.91 26.46 10.36
C PRO A 135 17.84 27.95 10.01
N GLY A 136 16.91 28.37 9.14
CA GLY A 136 16.61 29.80 8.91
C GLY A 136 15.90 30.44 10.10
N LEU A 137 15.28 29.63 10.96
CA LEU A 137 14.40 30.13 12.04
C LEU A 137 15.07 29.92 13.40
N SER A 138 15.64 28.75 13.63
CA SER A 138 15.99 28.24 14.97
C SER A 138 17.34 27.55 14.94
N ASN A 139 17.97 27.37 16.09
CA ASN A 139 19.20 26.54 16.20
C ASN A 139 18.82 25.10 16.55
N CYS A 140 17.55 24.74 16.56
CA CYS A 140 17.11 23.43 17.09
C CYS A 140 17.67 22.29 16.23
N THR A 141 18.15 21.26 16.91
CA THR A 141 18.76 20.07 16.30
C THR A 141 18.17 18.82 16.96
N ILE A 142 18.22 17.73 16.20
CA ILE A 142 17.87 16.36 16.67
C ILE A 142 18.90 15.39 16.15
N HIS A 143 18.98 14.24 16.81
CA HIS A 143 19.47 12.98 16.19
C HIS A 143 18.25 12.24 15.68
N ILE A 144 18.32 11.78 14.45
CA ILE A 144 17.37 10.84 13.86
C ILE A 144 17.93 9.44 14.14
N VAL A 145 17.20 8.71 14.96
CA VAL A 145 17.58 7.33 15.40
C VAL A 145 16.68 6.32 14.73
N THR A 146 17.26 5.47 13.89
CA THR A 146 16.59 4.32 13.27
C THR A 146 16.63 3.20 14.30
N VAL A 147 15.48 2.60 14.52
CA VAL A 147 15.24 1.53 15.52
C VAL A 147 14.38 0.49 14.82
N THR A 148 14.69 -0.78 15.00
CA THR A 148 13.84 -1.90 14.55
C THR A 148 13.07 -2.37 15.77
N ILE A 149 11.81 -2.76 15.58
CA ILE A 149 10.95 -3.34 16.61
C ILE A 149 10.68 -4.78 16.18
N ASN A 150 11.07 -5.74 17.02
CA ASN A 150 10.73 -7.16 16.79
C ASN A 150 9.28 -7.31 17.24
N GLY A 151 8.34 -7.19 16.29
CA GLY A 151 6.89 -7.37 16.53
C GLY A 151 6.55 -8.81 16.87
N ASP A 152 7.47 -9.76 16.65
CA ASP A 152 7.25 -11.18 17.04
C ASP A 152 7.52 -11.41 18.55
N ASP A 153 8.24 -10.51 19.22
CA ASP A 153 8.58 -10.66 20.66
C ASP A 153 7.33 -10.38 21.50
N ALA A 154 7.07 -11.16 22.56
CA ALA A 154 5.88 -11.01 23.44
C ALA A 154 5.85 -9.61 24.07
N GLU A 155 7.04 -9.05 24.37
CA GLU A 155 7.23 -7.66 24.88
C GLU A 155 6.48 -6.67 23.98
N ASN A 156 6.32 -6.98 22.70
CA ASN A 156 5.83 -6.01 21.68
C ASN A 156 4.49 -6.48 21.11
N ALA A 157 3.73 -7.27 21.89
CA ALA A 157 2.48 -7.93 21.46
C ALA A 157 1.30 -6.97 21.61
N ARG A 158 1.00 -6.55 22.84
CA ARG A 158 -0.11 -5.60 23.15
C ARG A 158 0.52 -4.38 23.83
N PRO A 159 1.33 -3.58 23.08
CA PRO A 159 2.14 -2.51 23.68
C PRO A 159 1.29 -1.31 24.16
N LYS A 160 1.39 -0.94 25.45
CA LYS A 160 0.65 0.20 26.06
C LYS A 160 1.55 1.43 26.05
N PRO A 161 1.18 2.53 25.37
CA PRO A 161 1.85 3.82 25.61
C PRO A 161 1.90 4.11 27.12
N LYS A 162 3.06 4.52 27.64
CA LYS A 162 3.26 5.08 28.99
C LYS A 162 3.46 6.59 28.85
N PRO A 163 2.40 7.35 28.52
CA PRO A 163 2.55 8.77 28.21
C PRO A 163 2.80 9.59 29.50
N GLY A 164 3.63 10.64 29.40
CA GLY A 164 3.95 11.55 30.52
C GLY A 164 2.76 12.45 30.86
N ASP A 165 2.91 13.27 31.90
CA ASP A 165 1.89 14.28 32.33
C ASP A 165 1.63 15.22 31.13
N GLY A 166 0.38 15.34 30.68
CA GLY A 166 0.00 16.23 29.57
C GLY A 166 0.46 15.70 28.21
N GLU A 167 0.74 14.39 28.11
CA GLU A 167 1.08 13.68 26.84
C GLU A 167 -0.12 12.82 26.45
N PHE A 168 -0.62 12.96 25.22
CA PHE A 168 -1.81 12.23 24.72
C PHE A 168 -1.54 11.83 23.28
N VAL A 169 -1.06 10.60 23.10
CA VAL A 169 -0.48 10.11 21.83
C VAL A 169 -1.28 8.92 21.32
N GLU A 170 -1.63 8.98 20.03
CA GLU A 170 -2.23 7.87 19.24
C GLU A 170 -1.11 7.28 18.37
N VAL A 171 -1.05 5.95 18.30
CA VAL A 171 -0.06 5.22 17.45
C VAL A 171 -0.69 4.88 16.11
N ILE A 172 0.01 5.20 15.03
CA ILE A 172 -0.43 4.87 13.65
C ILE A 172 0.73 4.17 12.97
N SER A 173 0.58 2.88 12.72
CA SER A 173 1.59 2.03 12.02
C SER A 173 1.19 1.89 10.56
N LEU A 174 2.02 2.34 9.63
CA LEU A 174 1.69 2.31 8.19
C LEU A 174 2.72 1.49 7.45
N PRO A 175 2.31 0.69 6.42
CA PRO A 175 3.25 -0.10 5.63
C PRO A 175 4.28 0.77 4.90
N LYS A 176 5.57 0.47 5.13
CA LYS A 176 6.68 1.16 4.44
C LYS A 176 6.47 1.12 2.93
N ASN A 177 5.93 0.02 2.39
CA ASN A 177 5.79 -0.19 0.93
C ASN A 177 4.67 0.69 0.36
N ASP A 178 3.93 1.42 1.18
CA ASP A 178 2.78 2.26 0.70
C ASP A 178 2.69 3.54 1.53
N LEU A 179 3.79 3.98 2.14
CA LEU A 179 3.71 5.01 3.20
C LEU A 179 3.09 6.31 2.65
N LEU A 180 3.57 6.81 1.52
CA LEU A 180 3.13 8.13 1.01
C LEU A 180 1.62 8.06 0.70
N GLN A 181 1.14 7.00 0.06
CA GLN A 181 -0.30 6.87 -0.30
C GLN A 181 -1.12 6.81 0.99
N ARG A 182 -0.61 6.18 2.04
CA ARG A 182 -1.38 5.97 3.29
C ARG A 182 -1.46 7.28 4.08
N LEU A 183 -0.37 8.07 4.07
CA LEU A 183 -0.36 9.44 4.63
C LEU A 183 -1.32 10.32 3.83
N ASP A 184 -1.25 10.31 2.51
CA ASP A 184 -2.21 11.07 1.63
C ASP A 184 -3.65 10.68 1.99
N ALA A 185 -3.95 9.41 2.21
CA ALA A 185 -5.34 8.97 2.56
C ALA A 185 -5.73 9.51 3.94
N LEU A 186 -4.78 9.59 4.88
CA LEU A 186 -5.08 10.14 6.23
C LEU A 186 -5.35 11.66 6.16
N VAL A 187 -4.58 12.39 5.36
CA VAL A 187 -4.72 13.86 5.14
C VAL A 187 -6.06 14.15 4.45
N ALA A 188 -6.51 13.26 3.56
CA ALA A 188 -7.83 13.36 2.89
C ALA A 188 -8.97 13.24 3.91
N GLU A 189 -8.88 12.31 4.88
CA GLU A 189 -10.03 11.85 5.72
C GLU A 189 -10.25 12.74 6.95
N GLU A 190 -9.34 13.69 7.26
CA GLU A 190 -9.44 14.57 8.45
C GLU A 190 -8.51 15.78 8.32
N HIS A 191 -8.64 16.73 9.24
CA HIS A 191 -7.78 17.93 9.38
C HIS A 191 -6.57 17.55 10.22
N LEU A 192 -5.44 17.32 9.56
CA LEU A 192 -4.18 16.93 10.24
C LEU A 192 -3.02 17.24 9.29
N THR A 193 -1.90 17.62 9.89
CA THR A 193 -0.66 17.98 9.18
C THR A 193 0.29 16.81 9.28
N VAL A 194 0.91 16.47 8.18
CA VAL A 194 2.03 15.50 8.25
C VAL A 194 3.30 16.31 8.50
N ASP A 195 4.19 15.76 9.30
CA ASP A 195 5.52 16.36 9.55
C ASP A 195 6.39 16.29 8.30
N ALA A 196 7.17 17.34 8.05
CA ALA A 196 8.04 17.46 6.87
C ALA A 196 9.07 16.31 6.82
N ARG A 197 9.49 15.78 7.96
CA ARG A 197 10.48 14.67 7.97
C ARG A 197 9.79 13.37 7.60
N VAL A 198 8.62 13.12 8.15
CA VAL A 198 7.82 11.94 7.73
C VAL A 198 7.56 12.03 6.23
N TYR A 199 7.18 13.21 5.73
CA TYR A 199 6.78 13.33 4.30
C TYR A 199 8.02 13.12 3.43
N SER A 200 9.18 13.61 3.87
CA SER A 200 10.44 13.52 3.10
C SER A 200 10.84 12.03 3.03
N TYR A 201 10.72 11.35 4.15
CA TYR A 201 11.00 9.90 4.24
C TYR A 201 10.04 9.13 3.31
N ALA A 202 8.75 9.40 3.37
CA ALA A 202 7.74 8.73 2.49
C ALA A 202 8.01 9.04 1.02
N LEU A 203 8.41 10.26 0.66
CA LEU A 203 8.75 10.62 -0.75
C LEU A 203 9.94 9.79 -1.25
N ALA A 204 11.03 9.71 -0.45
CA ALA A 204 12.23 8.94 -0.84
C ALA A 204 11.85 7.46 -1.02
N LEU A 205 11.02 6.86 -0.16
CA LEU A 205 10.56 5.46 -0.34
C LEU A 205 9.94 5.33 -1.74
N LYS A 206 9.08 6.27 -2.13
CA LYS A 206 8.50 6.30 -3.50
C LYS A 206 9.61 6.47 -4.54
N HIS A 207 10.51 7.44 -4.37
CA HIS A 207 11.50 7.80 -5.41
C HIS A 207 12.49 6.64 -5.62
N ALA A 208 12.80 5.88 -4.58
CA ALA A 208 13.70 4.71 -4.71
C ALA A 208 12.94 3.64 -5.53
N LYS B 15 -10.98 16.78 20.18
CA LYS B 15 -10.96 16.65 21.67
C LYS B 15 -10.12 17.77 22.27
N GLN B 16 -9.00 18.15 21.64
CA GLN B 16 -8.10 19.25 22.09
C GLN B 16 -8.24 20.43 21.13
N TYR B 17 -8.01 21.64 21.61
CA TYR B 17 -8.20 22.87 20.81
C TYR B 17 -7.55 24.06 21.52
N ILE B 18 -7.36 25.13 20.77
CA ILE B 18 -6.79 26.42 21.25
C ILE B 18 -7.93 27.19 21.92
N ILE B 19 -7.68 27.73 23.09
CA ILE B 19 -8.63 28.62 23.81
C ILE B 19 -8.22 30.04 23.43
N SER B 20 -6.97 30.43 23.73
CA SER B 20 -6.43 31.79 23.45
C SER B 20 -4.93 31.75 23.12
N GLU B 21 -4.46 32.83 22.50
CA GLU B 21 -3.03 33.06 22.20
C GLU B 21 -2.67 34.44 22.76
N GLU B 22 -1.56 34.53 23.49
CA GLU B 22 -1.05 35.79 24.07
C GLU B 22 0.29 36.14 23.43
N LEU B 23 0.35 37.24 22.69
CA LEU B 23 1.63 37.75 22.15
C LEU B 23 2.64 37.97 23.28
N ILE B 24 3.81 37.34 23.23
CA ILE B 24 4.88 37.59 24.22
C ILE B 24 5.84 38.62 23.62
N SER B 25 6.19 38.48 22.36
CA SER B 25 7.25 39.31 21.73
C SER B 25 7.14 39.17 20.21
N GLU B 26 7.13 40.28 19.48
CA GLU B 26 6.96 40.30 18.01
C GLU B 26 8.17 41.01 17.41
N GLY B 27 8.95 40.30 16.61
CA GLY B 27 10.02 40.92 15.82
C GLY B 27 9.48 41.26 14.46
N LYS B 28 10.39 41.57 13.53
CA LYS B 28 10.04 41.86 12.13
C LYS B 28 9.63 40.57 11.42
N TRP B 29 10.26 39.44 11.79
CA TRP B 29 10.19 38.15 11.05
C TRP B 29 9.54 37.04 11.90
N VAL B 30 9.70 37.12 13.22
CA VAL B 30 9.36 36.00 14.15
C VAL B 30 8.66 36.60 15.36
N LYS B 31 7.68 35.88 15.91
CA LYS B 31 7.05 36.21 17.21
C LYS B 31 6.96 34.98 18.11
N LEU B 32 6.92 35.24 19.42
CA LEU B 32 6.79 34.26 20.51
C LEU B 32 5.42 34.47 21.15
N GLU B 33 4.63 33.42 21.22
CA GLU B 33 3.27 33.46 21.81
C GLU B 33 3.20 32.44 22.95
N LYS B 34 2.35 32.72 23.93
CA LYS B 34 1.88 31.72 24.91
C LYS B 34 0.50 31.25 24.44
N THR B 35 0.38 29.95 24.19
CA THR B 35 -0.86 29.30 23.71
C THR B 35 -1.55 28.64 24.90
N THR B 36 -2.80 29.02 25.15
CA THR B 36 -3.66 28.29 26.12
C THR B 36 -4.52 27.30 25.35
N TYR B 37 -4.52 26.04 25.78
CA TYR B 37 -5.27 24.95 25.10
C TYR B 37 -5.87 24.02 26.15
N MET B 38 -6.92 23.34 25.72
CA MET B 38 -7.64 22.32 26.52
C MET B 38 -7.03 20.97 26.21
N ASP B 39 -6.46 20.33 27.23
CA ASP B 39 -5.93 18.95 27.16
C ASP B 39 -7.17 18.06 27.14
N PRO B 40 -7.05 16.77 26.76
CA PRO B 40 -8.22 15.89 26.57
C PRO B 40 -8.94 15.52 27.88
N THR B 41 -8.34 15.81 29.05
CA THR B 41 -8.96 15.58 30.39
C THR B 41 -9.94 16.72 30.73
N GLY B 42 -9.95 17.82 29.97
CA GLY B 42 -10.69 19.07 30.31
C GLY B 42 -9.87 20.01 31.18
N LYS B 43 -8.56 19.74 31.34
CA LYS B 43 -7.60 20.63 32.05
C LYS B 43 -6.97 21.62 31.05
N THR B 44 -6.90 22.88 31.46
CA THR B 44 -6.35 24.03 30.71
C THR B 44 -4.84 24.04 30.90
N ARG B 45 -4.08 24.22 29.81
CA ARG B 45 -2.60 24.12 29.79
C ARG B 45 -2.07 25.21 28.87
N THR B 46 -0.80 25.60 29.06
CA THR B 46 -0.14 26.64 28.23
C THR B 46 1.06 26.01 27.52
N TRP B 47 1.39 26.62 26.38
CA TRP B 47 2.51 26.20 25.51
C TRP B 47 3.21 27.45 24.99
N GLU B 48 4.53 27.44 25.01
CA GLU B 48 5.31 28.52 24.35
C GLU B 48 5.49 28.13 22.89
N SER B 49 5.04 28.99 21.98
CA SER B 49 4.96 28.74 20.53
C SER B 49 5.64 29.87 19.75
N VAL B 50 6.26 29.53 18.64
CA VAL B 50 6.87 30.51 17.69
C VAL B 50 6.02 30.54 16.43
N LYS B 51 5.80 31.71 15.86
CA LYS B 51 5.20 31.87 14.51
C LYS B 51 6.03 32.87 13.72
N ARG B 52 6.00 32.74 12.40
CA ARG B 52 6.51 33.79 11.51
C ARG B 52 5.46 34.92 11.43
N THR B 53 5.91 36.14 11.16
CA THR B 53 5.05 37.34 10.97
C THR B 53 4.63 37.47 9.50
N THR B 54 5.11 36.57 8.63
CA THR B 54 5.12 36.76 7.15
C THR B 54 4.03 35.96 6.42
N ARG B 55 3.29 35.08 7.10
CA ARG B 55 2.29 34.23 6.42
C ARG B 55 1.02 35.06 6.19
N LYS B 56 0.41 34.97 4.99
CA LYS B 56 -0.81 35.72 4.58
C LYS B 56 -1.94 34.74 4.23
N GLN B 58 -1.27 32.53 2.00
CA GLN B 58 -0.37 31.39 1.62
C GLN B 58 -0.92 30.07 2.18
N THR B 59 -0.70 28.99 1.40
CA THR B 59 -0.94 27.56 1.78
C THR B 59 0.02 27.11 2.89
N ALA B 60 1.16 27.79 3.01
CA ALA B 60 2.32 27.41 3.86
C ALA B 60 3.26 28.61 3.94
N ASP B 61 4.19 28.62 4.88
CA ASP B 61 5.21 29.70 4.94
C ASP B 61 6.14 29.63 3.74
N GLY B 62 6.63 28.43 3.44
CA GLY B 62 7.80 28.24 2.56
C GLY B 62 7.59 27.09 1.60
N VAL B 63 8.55 26.93 0.71
CA VAL B 63 8.72 25.71 -0.12
C VAL B 63 10.13 25.18 0.14
N ALA B 64 10.28 23.87 0.06
CA ALA B 64 11.59 23.21 -0.07
C ALA B 64 11.53 22.39 -1.36
N VAL B 65 12.58 22.45 -2.13
CA VAL B 65 12.66 21.82 -3.46
C VAL B 65 13.58 20.59 -3.32
N ILE B 66 13.05 19.43 -3.67
CA ILE B 66 13.85 18.22 -3.96
C ILE B 66 14.20 18.23 -5.46
N PRO B 67 15.41 18.72 -5.83
CA PRO B 67 15.82 18.86 -7.22
C PRO B 67 16.67 17.66 -7.67
N VAL B 68 16.08 16.86 -8.55
CA VAL B 68 16.66 15.64 -9.15
C VAL B 68 17.30 16.04 -10.49
N LEU B 69 18.62 16.16 -10.49
CA LEU B 69 19.42 16.53 -11.67
C LEU B 69 19.67 15.26 -12.50
N GLN B 70 19.06 15.20 -13.67
CA GLN B 70 19.11 14.03 -14.56
C GLN B 70 20.01 14.37 -15.75
N ARG B 71 21.19 13.75 -15.83
CA ARG B 71 22.08 13.85 -17.01
C ARG B 71 22.32 12.44 -17.52
N THR B 72 22.10 12.23 -18.80
CA THR B 72 22.38 10.94 -19.46
C THR B 72 23.84 10.52 -19.20
N LEU B 73 24.06 9.23 -18.92
CA LEU B 73 25.37 8.56 -18.70
C LEU B 73 26.04 9.09 -17.43
N HIS B 74 25.25 9.72 -16.54
CA HIS B 74 25.69 10.19 -15.22
C HIS B 74 24.75 9.60 -14.18
N TYR B 75 25.23 9.46 -12.95
CA TYR B 75 24.33 9.17 -11.82
C TYR B 75 23.34 10.31 -11.66
N GLU B 76 22.09 9.97 -11.36
CA GLU B 76 21.09 10.95 -10.91
C GLU B 76 21.63 11.62 -9.63
N CYS B 77 21.55 12.95 -9.56
CA CYS B 77 22.01 13.73 -8.38
C CYS B 77 20.82 14.45 -7.73
N ILE B 78 20.93 14.63 -6.42
CA ILE B 78 20.06 15.55 -5.67
C ILE B 78 20.86 16.84 -5.52
N VAL B 79 20.26 17.95 -5.90
CA VAL B 79 20.95 19.27 -5.80
C VAL B 79 20.65 19.90 -4.44
N LEU B 80 21.69 20.20 -3.68
CA LEU B 80 21.55 20.83 -2.35
C LEU B 80 22.34 22.14 -2.32
N VAL B 81 22.07 22.94 -1.30
CA VAL B 81 22.71 24.25 -1.12
C VAL B 81 23.36 24.28 0.25
N LYS B 82 24.46 25.00 0.33
CA LYS B 82 25.21 25.19 1.58
C LYS B 82 25.21 26.70 1.84
N GLN B 83 24.79 27.10 3.03
CA GLN B 83 24.61 28.52 3.41
C GLN B 83 25.00 28.67 4.87
N PHE B 84 25.47 29.86 5.24
CA PHE B 84 25.60 30.27 6.66
C PHE B 84 24.19 30.44 7.20
N ARG B 85 23.88 29.85 8.35
CA ARG B 85 22.56 30.06 8.99
C ARG B 85 22.78 30.73 10.34
N PRO B 86 22.49 32.05 10.45
CA PRO B 86 22.72 32.76 11.71
C PRO B 86 22.12 32.06 12.92
N PRO B 87 20.89 31.51 12.91
CA PRO B 87 20.41 30.80 14.12
C PRO B 87 21.34 29.65 14.50
N MET B 88 21.92 28.94 13.53
CA MET B 88 22.77 27.76 13.79
C MET B 88 24.19 28.21 14.14
N GLY B 89 24.57 29.44 13.80
CA GLY B 89 25.95 29.94 14.00
C GLY B 89 26.93 29.16 13.15
N GLY B 90 26.47 28.60 12.03
CA GLY B 90 27.32 27.75 11.17
C GLY B 90 26.73 27.51 9.80
N TYR B 91 27.41 26.66 9.04
CA TYR B 91 27.01 26.32 7.66
C TYR B 91 26.12 25.07 7.72
N CYS B 92 25.07 25.08 6.90
CA CYS B 92 24.06 24.00 6.80
C CYS B 92 23.93 23.53 5.36
N ILE B 93 23.63 22.25 5.18
CA ILE B 93 23.34 21.65 3.86
C ILE B 93 21.84 21.35 3.83
N GLU B 94 21.16 21.87 2.82
CA GLU B 94 19.67 21.95 2.82
C GLU B 94 19.16 21.75 1.41
N PHE B 95 17.91 21.35 1.27
CA PHE B 95 17.19 21.49 -0.01
C PHE B 95 17.09 22.98 -0.33
N PRO B 96 17.20 23.38 -1.59
CA PRO B 96 16.86 24.75 -1.96
C PRO B 96 15.46 25.06 -1.44
N ALA B 97 15.27 26.28 -0.94
CA ALA B 97 14.08 26.65 -0.19
C ALA B 97 14.00 28.17 0.02
N GLY B 98 12.77 28.65 0.12
CA GLY B 98 12.47 30.00 0.60
C GLY B 98 11.00 30.17 0.88
N LEU B 99 10.67 31.32 1.46
CA LEU B 99 9.28 31.74 1.74
C LEU B 99 8.58 31.99 0.39
N ILE B 100 7.32 31.63 0.34
CA ILE B 100 6.41 31.84 -0.82
C ILE B 100 6.02 33.33 -0.84
N ASP B 101 6.21 34.03 -1.96
CA ASP B 101 5.81 35.47 -2.10
C ASP B 101 4.29 35.58 -1.96
N ASP B 102 3.79 36.67 -1.36
CA ASP B 102 2.35 37.03 -1.33
C ASP B 102 1.77 36.82 -2.74
N GLY B 103 0.75 35.96 -2.88
CA GLY B 103 0.06 35.66 -4.15
C GLY B 103 0.86 34.76 -5.08
N GLU B 104 1.93 34.12 -4.60
CA GLU B 104 2.73 33.14 -5.40
C GLU B 104 2.16 31.74 -5.12
N THR B 105 2.10 30.87 -6.13
CA THR B 105 1.75 29.43 -5.97
C THR B 105 2.98 28.70 -5.42
N PRO B 106 2.80 27.59 -4.67
CA PRO B 106 3.94 26.81 -4.17
C PRO B 106 4.84 26.34 -5.32
N GLU B 107 4.22 25.84 -6.40
CA GLU B 107 4.94 25.38 -7.61
C GLU B 107 5.81 26.52 -8.16
N ALA B 108 5.27 27.74 -8.26
CA ALA B 108 5.99 28.87 -8.87
C ALA B 108 7.13 29.29 -7.92
N ALA B 109 6.90 29.25 -6.59
CA ALA B 109 7.93 29.60 -5.57
C ALA B 109 9.09 28.62 -5.67
N ALA B 110 8.79 27.35 -5.90
CA ALA B 110 9.78 26.24 -6.04
C ALA B 110 10.69 26.48 -7.24
N LEU B 111 10.12 26.73 -8.42
CA LEU B 111 10.95 26.98 -9.63
C LEU B 111 11.72 28.28 -9.45
N ARG B 112 11.14 29.32 -8.83
CA ARG B 112 11.84 30.59 -8.59
C ARG B 112 13.01 30.35 -7.62
N GLU B 113 12.75 29.73 -6.46
CA GLU B 113 13.80 29.52 -5.44
C GLU B 113 14.88 28.63 -6.02
N LEU B 114 14.48 27.55 -6.69
CA LEU B 114 15.49 26.66 -7.32
C LEU B 114 16.41 27.47 -8.24
N GLU B 115 15.85 28.32 -9.09
CA GLU B 115 16.68 29.08 -10.07
C GLU B 115 17.54 30.11 -9.35
N GLU B 116 16.98 30.86 -8.40
CA GLU B 116 17.73 31.85 -7.59
C GLU B 116 18.89 31.17 -6.87
N GLU B 117 18.66 30.01 -6.27
CA GLU B 117 19.64 29.41 -5.33
C GLU B 117 20.66 28.55 -6.11
N THR B 118 20.27 27.97 -7.24
CA THR B 118 21.14 26.99 -7.97
C THR B 118 21.44 27.43 -9.41
N GLY B 119 20.60 28.30 -10.00
CA GLY B 119 20.64 28.62 -11.43
C GLY B 119 19.95 27.56 -12.28
N TYR B 120 19.54 26.42 -11.73
CA TYR B 120 18.88 25.36 -12.53
C TYR B 120 17.43 25.75 -12.80
N LYS B 121 16.98 25.43 -14.03
CA LYS B 121 15.59 25.52 -14.52
C LYS B 121 15.00 24.12 -14.56
N GLY B 122 13.93 23.92 -13.81
CA GLY B 122 13.40 22.58 -13.52
C GLY B 122 11.95 22.48 -13.91
N ASP B 123 11.42 21.28 -13.86
CA ASP B 123 10.00 20.94 -14.14
C ASP B 123 9.41 20.32 -12.87
N ILE B 124 8.22 20.77 -12.48
CA ILE B 124 7.45 20.21 -11.33
C ILE B 124 7.12 18.75 -11.64
N ALA B 125 7.43 17.84 -10.72
CA ALA B 125 6.96 16.43 -10.78
C ALA B 125 5.77 16.24 -9.85
N GLU B 126 5.90 16.67 -8.58
CA GLU B 126 4.80 16.57 -7.59
C GLU B 126 5.00 17.66 -6.52
N CYS B 127 3.94 17.92 -5.77
CA CYS B 127 3.87 18.97 -4.74
C CYS B 127 3.13 18.41 -3.54
N SER B 128 3.77 18.41 -2.36
CA SER B 128 3.15 17.94 -1.10
C SER B 128 2.03 18.88 -0.68
N PRO B 129 1.08 18.46 0.18
CA PRO B 129 0.34 19.40 1.02
C PRO B 129 1.26 20.10 2.02
N ALA B 130 0.74 21.12 2.71
CA ALA B 130 1.54 21.84 3.72
C ALA B 130 1.97 20.82 4.79
N VAL B 131 3.26 20.80 5.12
CA VAL B 131 3.83 19.89 6.15
C VAL B 131 4.56 20.72 7.19
N CYS B 132 4.53 20.27 8.44
CA CYS B 132 5.08 21.08 9.55
C CYS B 132 6.60 20.89 9.66
N MET B 133 7.29 21.95 10.02
CA MET B 133 8.76 21.97 10.17
C MET B 133 9.19 21.49 11.57
N ASP B 134 8.52 21.98 12.63
CA ASP B 134 8.90 21.65 14.03
C ASP B 134 7.67 21.90 14.90
N PRO B 135 6.66 21.01 14.88
CA PRO B 135 5.31 21.40 15.32
C PRO B 135 5.22 21.57 16.84
N GLY B 136 6.21 21.05 17.58
CA GLY B 136 6.38 21.26 19.03
C GLY B 136 6.87 22.68 19.30
N LEU B 137 7.50 23.33 18.33
CA LEU B 137 8.14 24.64 18.57
C LEU B 137 7.32 25.72 17.86
N SER B 138 6.95 25.48 16.60
CA SER B 138 6.46 26.53 15.67
C SER B 138 5.21 26.07 14.92
N ASN B 139 4.52 27.03 14.32
CA ASN B 139 3.45 26.67 13.35
C ASN B 139 4.02 26.61 11.94
N CYS B 140 5.35 26.68 11.75
CA CYS B 140 5.93 26.86 10.39
C CYS B 140 5.65 25.65 9.49
N THR B 141 5.19 25.92 8.28
CA THR B 141 4.88 24.85 7.30
C THR B 141 5.55 25.17 5.97
N ILE B 142 5.75 24.11 5.18
CA ILE B 142 6.29 24.18 3.81
C ILE B 142 5.50 23.23 2.92
N HIS B 143 5.60 23.48 1.62
CA HIS B 143 5.30 22.50 0.56
C HIS B 143 6.63 21.92 0.12
N ILE B 144 6.74 20.60 0.16
CA ILE B 144 7.88 19.89 -0.47
C ILE B 144 7.52 19.64 -1.94
N VAL B 145 8.31 20.21 -2.83
CA VAL B 145 8.05 20.19 -4.28
C VAL B 145 9.18 19.43 -4.95
N THR B 146 8.85 18.26 -5.51
CA THR B 146 9.78 17.43 -6.30
C THR B 146 9.86 18.06 -7.68
N VAL B 147 11.08 18.35 -8.11
CA VAL B 147 11.38 19.00 -9.41
C VAL B 147 12.45 18.14 -10.08
N THR B 148 12.32 17.87 -11.37
CA THR B 148 13.38 17.22 -12.19
C THR B 148 14.11 18.32 -12.97
N ILE B 149 15.42 18.22 -13.11
CA ILE B 149 16.23 19.16 -13.92
C ILE B 149 16.84 18.36 -15.07
N ASN B 150 16.51 18.75 -16.30
CA ASN B 150 17.15 18.16 -17.50
C ASN B 150 18.53 18.78 -17.64
N GLY B 151 19.53 18.11 -17.06
CA GLY B 151 20.92 18.61 -17.05
C GLY B 151 21.51 18.67 -18.44
N ASP B 152 20.85 18.06 -19.44
CA ASP B 152 21.38 17.94 -20.83
C ASP B 152 20.88 19.12 -21.68
N ASP B 153 19.90 19.89 -21.20
CA ASP B 153 19.32 21.03 -21.94
C ASP B 153 20.30 22.20 -21.87
N ALA B 154 20.29 23.07 -22.88
CA ALA B 154 21.22 24.21 -23.00
C ALA B 154 21.07 25.11 -21.77
N GLU B 155 19.84 25.32 -21.29
CA GLU B 155 19.54 26.34 -20.24
C GLU B 155 20.19 25.89 -18.92
N ASN B 156 20.55 24.62 -18.78
CA ASN B 156 21.15 24.05 -17.53
C ASN B 156 22.64 23.74 -17.75
N ALA B 157 23.23 24.21 -18.87
CA ALA B 157 24.65 23.99 -19.21
C ALA B 157 25.55 24.63 -18.15
N ARG B 158 25.53 25.95 -18.03
CA ARG B 158 26.32 26.72 -17.01
C ARG B 158 25.30 27.45 -16.13
N PRO B 159 24.68 26.76 -15.15
CA PRO B 159 23.52 27.31 -14.45
C PRO B 159 23.85 28.68 -13.80
N LYS B 160 23.03 29.70 -14.06
CA LYS B 160 23.21 31.10 -13.54
C LYS B 160 22.41 31.32 -12.25
N PRO B 161 22.98 31.14 -11.04
CA PRO B 161 22.30 31.47 -9.78
C PRO B 161 22.08 32.97 -9.54
N LYS B 162 20.86 33.38 -9.19
CA LYS B 162 20.43 34.80 -8.99
C LYS B 162 20.15 35.06 -7.50
N PRO B 163 21.20 35.21 -6.64
CA PRO B 163 21.00 35.50 -5.22
C PRO B 163 20.38 36.87 -4.97
N GLY B 164 19.22 36.92 -4.30
CA GLY B 164 18.65 38.16 -3.72
C GLY B 164 19.62 38.83 -2.76
N ASP B 165 19.29 40.04 -2.28
CA ASP B 165 20.10 40.80 -1.29
C ASP B 165 20.34 39.93 -0.04
N GLY B 166 21.61 39.79 0.36
CA GLY B 166 22.02 39.17 1.64
C GLY B 166 22.04 37.63 1.62
N GLU B 167 21.81 37.00 0.47
CA GLU B 167 21.78 35.52 0.32
C GLU B 167 23.07 35.07 -0.39
N PHE B 168 23.80 34.13 0.23
CA PHE B 168 25.11 33.63 -0.26
C PHE B 168 25.11 32.10 -0.19
N VAL B 169 24.94 31.47 -1.36
CA VAL B 169 24.59 30.03 -1.47
C VAL B 169 25.63 29.31 -2.34
N GLU B 170 26.17 28.20 -1.84
CA GLU B 170 27.03 27.26 -2.59
C GLU B 170 26.16 26.07 -2.98
N VAL B 171 26.38 25.54 -4.19
CA VAL B 171 25.57 24.42 -4.72
C VAL B 171 26.40 23.15 -4.53
N ILE B 172 25.76 22.11 -4.03
CA ILE B 172 26.39 20.77 -3.85
C ILE B 172 25.41 19.75 -4.42
N SER B 173 25.78 19.14 -5.55
CA SER B 173 25.02 18.02 -6.17
C SER B 173 25.64 16.71 -5.75
N LEU B 174 24.86 15.83 -5.14
CA LEU B 174 25.32 14.54 -4.61
C LEU B 174 24.54 13.45 -5.30
N PRO B 175 25.18 12.31 -5.66
CA PRO B 175 24.45 11.20 -6.28
C PRO B 175 23.34 10.67 -5.36
N LYS B 176 22.14 10.52 -5.94
CA LYS B 176 20.93 9.97 -5.28
C LYS B 176 21.24 8.59 -4.69
N ASN B 177 21.90 7.70 -5.45
CA ASN B 177 22.06 6.27 -5.04
C ASN B 177 23.05 6.13 -3.87
N ASP B 178 23.80 7.18 -3.51
CA ASP B 178 24.77 7.11 -2.38
C ASP B 178 24.57 8.29 -1.42
N LEU B 179 23.39 8.93 -1.43
CA LEU B 179 23.21 10.27 -0.78
C LEU B 179 23.62 10.20 0.69
N LEU B 180 23.10 9.25 1.47
CA LEU B 180 23.36 9.23 2.93
C LEU B 180 24.87 9.12 3.25
N GLN B 181 25.62 8.24 2.57
CA GLN B 181 27.09 8.09 2.79
C GLN B 181 27.79 9.41 2.41
N ARG B 182 27.36 10.05 1.32
CA ARG B 182 27.98 11.32 0.88
C ARG B 182 27.73 12.43 1.92
N LEU B 183 26.52 12.49 2.49
CA LEU B 183 26.19 13.53 3.50
C LEU B 183 27.04 13.28 4.76
N ASP B 184 27.12 12.03 5.20
CA ASP B 184 27.92 11.63 6.39
C ASP B 184 29.38 12.05 6.18
N ALA B 185 29.92 11.88 4.98
CA ALA B 185 31.32 12.26 4.67
C ALA B 185 31.49 13.77 4.81
N LEU B 186 30.54 14.55 4.27
CA LEU B 186 30.60 16.04 4.36
C LEU B 186 30.61 16.47 5.82
N VAL B 187 29.75 15.89 6.65
CA VAL B 187 29.66 16.24 8.10
C VAL B 187 31.00 15.95 8.80
N ALA B 188 31.57 14.78 8.55
CA ALA B 188 32.83 14.28 9.17
C ALA B 188 34.03 15.08 8.67
N GLU B 189 33.94 15.64 7.47
CA GLU B 189 35.08 16.31 6.77
C GLU B 189 35.01 17.82 7.01
N GLU B 190 33.86 18.43 6.71
CA GLU B 190 33.70 19.91 6.54
C GLU B 190 32.94 20.52 7.73
N HIS B 191 32.66 19.74 8.79
CA HIS B 191 31.92 20.22 10.01
C HIS B 191 30.69 21.08 9.66
N LEU B 192 29.82 20.55 8.79
CA LEU B 192 28.50 21.14 8.40
C LEU B 192 27.37 20.51 9.23
N THR B 193 26.21 21.16 9.28
CA THR B 193 24.97 20.52 9.77
C THR B 193 24.06 20.20 8.58
N VAL B 194 23.62 18.94 8.49
CA VAL B 194 22.69 18.49 7.44
C VAL B 194 21.29 18.78 7.98
N ASP B 195 20.43 19.28 7.10
CA ASP B 195 19.01 19.55 7.37
C ASP B 195 18.26 18.24 7.66
N ALA B 196 17.33 18.25 8.60
CA ALA B 196 16.61 17.04 9.05
C ALA B 196 15.78 16.44 7.91
N ARG B 197 15.24 17.27 7.01
CA ARG B 197 14.43 16.74 5.89
C ARG B 197 15.37 16.09 4.86
N VAL B 198 16.52 16.69 4.59
CA VAL B 198 17.52 16.10 3.67
C VAL B 198 17.95 14.74 4.23
N TYR B 199 18.31 14.68 5.51
CA TYR B 199 18.77 13.43 6.13
C TYR B 199 17.66 12.36 6.12
N SER B 200 16.43 12.76 6.36
CA SER B 200 15.26 11.86 6.36
C SER B 200 15.07 11.24 4.98
N TYR B 201 15.17 12.06 3.92
CA TYR B 201 15.10 11.60 2.50
C TYR B 201 16.26 10.63 2.24
N ALA B 202 17.49 10.99 2.61
CA ALA B 202 18.69 10.16 2.42
C ALA B 202 18.50 8.80 3.11
N LEU B 203 18.01 8.79 4.34
CA LEU B 203 17.79 7.55 5.12
C LEU B 203 16.83 6.66 4.35
N ALA B 204 15.67 7.19 3.97
CA ALA B 204 14.64 6.42 3.25
C ALA B 204 15.17 5.85 1.93
N LEU B 205 16.07 6.55 1.22
CA LEU B 205 16.65 6.01 -0.04
C LEU B 205 17.39 4.72 0.29
N LYS B 206 18.05 4.67 1.45
CA LYS B 206 18.77 3.47 1.95
C LYS B 206 17.76 2.44 2.45
N HIS B 207 16.77 2.84 3.24
CA HIS B 207 15.79 1.89 3.86
C HIS B 207 14.81 1.25 2.84
N ALA B 208 14.61 1.85 1.66
CA ALA B 208 13.68 1.33 0.62
C ALA B 208 14.02 -0.13 0.26
N ASN B 209 15.32 -0.45 0.25
CA ASN B 209 15.89 -1.81 0.13
C ASN B 209 15.53 -2.64 1.38
N GLN C 16 5.53 -22.21 7.72
CA GLN C 16 5.72 -23.06 6.50
C GLN C 16 6.43 -22.23 5.43
N TYR C 17 7.21 -22.89 4.57
CA TYR C 17 7.95 -22.23 3.47
C TYR C 17 8.37 -23.28 2.44
N ILE C 18 8.75 -22.79 1.27
CA ILE C 18 9.21 -23.57 0.09
C ILE C 18 10.68 -23.91 0.30
N ILE C 19 11.03 -25.19 0.05
CA ILE C 19 12.43 -25.70 0.03
C ILE C 19 12.90 -25.79 -1.44
N SER C 20 12.04 -26.29 -2.34
CA SER C 20 12.44 -26.53 -3.76
C SER C 20 11.22 -26.68 -4.67
N GLU C 21 11.21 -25.93 -5.76
CA GLU C 21 10.41 -26.19 -6.98
C GLU C 21 11.29 -27.05 -7.92
N GLU C 22 10.88 -28.30 -8.13
CA GLU C 22 11.56 -29.33 -8.98
C GLU C 22 10.70 -29.59 -10.21
N LEU C 23 11.18 -29.17 -11.39
CA LEU C 23 10.45 -29.18 -12.68
C LEU C 23 10.18 -30.63 -13.12
N ILE C 24 8.94 -30.96 -13.51
CA ILE C 24 8.52 -32.28 -14.08
C ILE C 24 8.34 -32.18 -15.61
N SER C 25 7.68 -31.15 -16.13
CA SER C 25 7.29 -31.06 -17.57
C SER C 25 6.95 -29.62 -17.95
N GLU C 26 7.53 -29.12 -19.04
CA GLU C 26 7.40 -27.72 -19.51
C GLU C 26 6.85 -27.72 -20.94
N GLY C 27 5.63 -27.21 -21.12
CA GLY C 27 5.07 -26.89 -22.44
C GLY C 27 5.41 -25.46 -22.81
N LYS C 28 4.79 -24.96 -23.88
CA LYS C 28 4.92 -23.56 -24.39
C LYS C 28 4.08 -22.61 -23.54
N TRP C 29 3.04 -23.11 -22.86
CA TRP C 29 2.05 -22.29 -22.12
C TRP C 29 1.97 -22.63 -20.63
N VAL C 30 2.21 -23.88 -20.23
CA VAL C 30 2.00 -24.38 -18.83
C VAL C 30 3.12 -25.36 -18.49
N LYS C 31 3.37 -25.58 -17.19
CA LYS C 31 4.39 -26.56 -16.76
C LYS C 31 3.99 -27.17 -15.41
N LEU C 32 4.12 -28.49 -15.30
CA LEU C 32 3.90 -29.26 -14.04
C LEU C 32 5.23 -29.22 -13.27
N GLU C 33 5.19 -28.96 -11.95
CA GLU C 33 6.40 -28.91 -11.08
C GLU C 33 6.19 -29.81 -9.86
N LYS C 34 7.29 -30.29 -9.27
CA LYS C 34 7.34 -30.98 -7.96
C LYS C 34 7.77 -29.95 -6.91
N THR C 35 6.99 -29.79 -5.84
CA THR C 35 7.24 -28.77 -4.78
C THR C 35 7.49 -29.48 -3.46
N THR C 36 8.56 -29.11 -2.74
CA THR C 36 8.78 -29.63 -1.38
C THR C 36 8.84 -28.42 -0.43
N TYR C 37 8.18 -28.60 0.70
CA TYR C 37 7.80 -27.53 1.65
C TYR C 37 7.93 -28.06 3.09
N MET C 38 8.26 -27.18 4.02
CA MET C 38 8.28 -27.47 5.48
C MET C 38 6.87 -27.24 6.03
N ASP C 39 6.29 -28.28 6.63
CA ASP C 39 4.92 -28.23 7.22
C ASP C 39 5.02 -27.48 8.54
N PRO C 40 3.88 -27.18 9.17
CA PRO C 40 3.91 -26.40 10.42
C PRO C 40 4.63 -27.12 11.58
N THR C 41 4.66 -28.47 11.59
CA THR C 41 5.24 -29.29 12.71
C THR C 41 6.73 -29.58 12.46
N GLY C 42 7.29 -29.23 11.29
CA GLY C 42 8.71 -29.44 10.96
C GLY C 42 8.96 -30.63 10.04
N LYS C 43 7.92 -31.40 9.69
CA LYS C 43 7.94 -32.46 8.64
C LYS C 43 8.04 -31.81 7.24
N THR C 44 9.12 -32.14 6.51
CA THR C 44 9.29 -31.93 5.06
C THR C 44 8.17 -32.71 4.34
N ARG C 45 7.44 -32.08 3.39
CA ARG C 45 6.33 -32.73 2.63
C ARG C 45 6.43 -32.31 1.16
N THR C 46 5.60 -32.90 0.29
CA THR C 46 5.69 -32.69 -1.18
C THR C 46 4.28 -32.42 -1.75
N TRP C 47 4.23 -31.81 -2.93
CA TRP C 47 2.96 -31.37 -3.60
C TRP C 47 3.19 -31.26 -5.10
N GLU C 48 2.16 -31.59 -5.89
CA GLU C 48 2.20 -31.40 -7.36
C GLU C 48 1.54 -30.07 -7.72
N SER C 49 2.34 -29.17 -8.28
CA SER C 49 2.01 -27.74 -8.55
C SER C 49 2.05 -27.46 -10.05
N VAL C 50 1.13 -26.62 -10.52
CA VAL C 50 1.06 -26.11 -11.91
C VAL C 50 1.40 -24.62 -11.89
N LYS C 51 2.05 -24.15 -12.96
CA LYS C 51 2.41 -22.73 -13.19
C LYS C 51 2.36 -22.50 -14.71
N ARG C 52 1.88 -21.33 -15.13
CA ARG C 52 1.96 -20.85 -16.54
C ARG C 52 3.39 -20.40 -16.80
N THR C 53 3.79 -20.34 -18.08
CA THR C 53 5.17 -20.09 -18.54
C THR C 53 5.27 -18.70 -19.15
N THR C 54 4.20 -17.91 -19.08
CA THR C 54 4.01 -16.62 -19.81
C THR C 54 4.28 -15.42 -18.88
N ARG C 55 4.49 -15.64 -17.58
CA ARG C 55 4.52 -14.58 -16.53
C ARG C 55 5.92 -13.97 -16.40
N LYS C 56 6.12 -12.75 -16.94
CA LYS C 56 7.38 -11.95 -16.81
C LYS C 56 7.30 -11.11 -15.52
N GLN C 58 5.23 -8.47 -13.77
CA GLN C 58 3.81 -8.76 -14.10
C GLN C 58 3.05 -9.04 -12.80
N THR C 59 2.07 -8.19 -12.47
CA THR C 59 1.34 -8.15 -11.16
C THR C 59 0.60 -9.48 -10.96
N ALA C 60 0.21 -10.12 -12.06
CA ALA C 60 -0.56 -11.37 -12.09
C ALA C 60 -0.47 -11.95 -13.50
N ASP C 61 -0.91 -13.18 -13.67
CA ASP C 61 -0.99 -13.80 -15.01
C ASP C 61 -2.02 -13.01 -15.83
N GLY C 62 -3.19 -12.73 -15.25
CA GLY C 62 -4.33 -12.29 -16.09
C GLY C 62 -5.17 -11.20 -15.47
N VAL C 63 -6.22 -10.80 -16.19
CA VAL C 63 -7.30 -9.95 -15.64
C VAL C 63 -8.63 -10.63 -15.95
N ALA C 64 -9.60 -10.47 -15.06
CA ALA C 64 -11.01 -10.80 -15.30
C ALA C 64 -11.76 -9.50 -15.12
N VAL C 65 -12.71 -9.22 -16.00
CA VAL C 65 -13.37 -7.90 -16.04
C VAL C 65 -14.79 -8.15 -15.58
N ILE C 66 -15.21 -7.43 -14.54
CA ILE C 66 -16.65 -7.43 -14.19
C ILE C 66 -17.24 -6.20 -14.88
N PRO C 67 -17.90 -6.39 -16.04
CA PRO C 67 -18.32 -5.29 -16.88
C PRO C 67 -19.80 -4.98 -16.61
N VAL C 68 -20.00 -3.85 -15.97
CA VAL C 68 -21.34 -3.43 -15.52
C VAL C 68 -21.87 -2.48 -16.59
N LEU C 69 -22.83 -2.98 -17.34
CA LEU C 69 -23.51 -2.21 -18.40
C LEU C 69 -24.59 -1.33 -17.74
N GLN C 70 -24.37 -0.03 -17.76
CA GLN C 70 -25.21 1.01 -17.12
C GLN C 70 -25.97 1.80 -18.19
N ARG C 71 -27.28 1.94 -18.02
CA ARG C 71 -28.18 2.60 -19.00
C ARG C 71 -29.25 3.36 -18.21
N THR C 72 -29.61 4.55 -18.66
CA THR C 72 -30.58 5.43 -17.95
C THR C 72 -31.87 4.68 -17.65
N LEU C 73 -32.36 3.89 -18.60
CA LEU C 73 -33.75 3.38 -18.55
C LEU C 73 -33.84 2.03 -17.85
N HIS C 74 -32.69 1.42 -17.51
CA HIS C 74 -32.63 -0.03 -17.21
C HIS C 74 -31.86 -0.31 -15.92
N TYR C 75 -32.15 -1.44 -15.31
CA TYR C 75 -31.30 -2.09 -14.29
C TYR C 75 -29.97 -2.45 -14.96
N GLU C 76 -28.92 -2.52 -14.16
CA GLU C 76 -27.59 -2.87 -14.67
C GLU C 76 -27.61 -4.30 -15.17
N CYS C 77 -26.79 -4.55 -16.18
CA CYS C 77 -26.45 -5.91 -16.64
C CYS C 77 -24.99 -6.20 -16.35
N ILE C 78 -24.69 -7.48 -16.23
CA ILE C 78 -23.30 -7.98 -16.19
C ILE C 78 -23.04 -8.59 -17.55
N VAL C 79 -22.01 -8.14 -18.22
CA VAL C 79 -21.64 -8.62 -19.59
C VAL C 79 -20.72 -9.81 -19.40
N LEU C 80 -21.12 -10.98 -19.91
CA LEU C 80 -20.34 -12.22 -19.81
C LEU C 80 -20.05 -12.68 -21.24
N VAL C 81 -19.11 -13.60 -21.37
CA VAL C 81 -18.72 -14.20 -22.67
C VAL C 81 -18.87 -15.71 -22.58
N LYS C 82 -19.30 -16.30 -23.68
CA LYS C 82 -19.40 -17.75 -23.83
C LYS C 82 -18.36 -18.15 -24.89
N GLN C 83 -17.54 -19.13 -24.57
CA GLN C 83 -16.52 -19.60 -25.52
C GLN C 83 -16.27 -21.07 -25.25
N PHE C 84 -15.85 -21.75 -26.29
CA PHE C 84 -15.34 -23.14 -26.23
C PHE C 84 -14.01 -23.10 -25.48
N ARG C 85 -13.87 -23.96 -24.49
CA ARG C 85 -12.65 -24.09 -23.66
C ARG C 85 -12.11 -25.51 -23.79
N PRO C 86 -11.04 -25.72 -24.59
CA PRO C 86 -10.52 -27.07 -24.82
C PRO C 86 -10.33 -27.89 -23.55
N PRO C 87 -9.72 -27.36 -22.46
CA PRO C 87 -9.56 -28.16 -21.24
C PRO C 87 -10.90 -28.73 -20.74
N MET C 88 -11.98 -27.96 -20.85
CA MET C 88 -13.33 -28.35 -20.38
C MET C 88 -14.03 -29.25 -21.39
N GLY C 89 -13.62 -29.23 -22.66
CA GLY C 89 -14.26 -30.01 -23.74
C GLY C 89 -15.66 -29.47 -24.01
N GLY C 90 -15.87 -28.20 -23.73
CA GLY C 90 -17.18 -27.58 -23.91
C GLY C 90 -17.14 -26.10 -23.70
N TYR C 91 -18.32 -25.50 -23.73
CA TYR C 91 -18.56 -24.05 -23.68
C TYR C 91 -18.67 -23.66 -22.22
N CYS C 92 -18.11 -22.48 -21.92
CA CYS C 92 -18.10 -21.91 -20.56
C CYS C 92 -18.59 -20.49 -20.61
N ILE C 93 -19.30 -20.07 -19.56
CA ILE C 93 -19.74 -18.67 -19.39
C ILE C 93 -18.81 -18.03 -18.35
N GLU C 94 -18.19 -16.95 -18.73
CA GLU C 94 -17.09 -16.33 -17.95
C GLU C 94 -17.20 -14.82 -18.01
N PHE C 95 -16.53 -14.15 -17.07
CA PHE C 95 -16.12 -12.74 -17.22
C PHE C 95 -15.15 -12.65 -18.40
N PRO C 96 -15.24 -11.59 -19.21
CA PRO C 96 -14.20 -11.29 -20.19
C PRO C 96 -12.86 -11.27 -19.43
N ALA C 97 -11.83 -11.83 -20.07
CA ALA C 97 -10.55 -12.12 -19.41
C ALA C 97 -9.48 -12.38 -20.46
N GLY C 98 -8.23 -12.18 -20.06
CA GLY C 98 -7.03 -12.57 -20.81
C GLY C 98 -5.78 -12.28 -20.00
N LEU C 99 -4.66 -12.77 -20.48
CA LEU C 99 -3.34 -12.54 -19.87
C LEU C 99 -2.94 -11.08 -20.09
N ILE C 100 -2.24 -10.50 -19.11
CA ILE C 100 -1.66 -9.14 -19.22
C ILE C 100 -0.41 -9.21 -20.14
N ASP C 101 -0.45 -8.49 -21.27
CA ASP C 101 0.70 -8.33 -22.20
C ASP C 101 1.89 -7.74 -21.42
N ASP C 102 3.11 -7.90 -21.94
CA ASP C 102 4.33 -7.37 -21.30
C ASP C 102 4.29 -5.84 -21.38
N GLY C 103 4.55 -5.16 -20.27
CA GLY C 103 4.55 -3.68 -20.20
C GLY C 103 3.16 -3.12 -19.96
N GLU C 104 2.12 -3.98 -19.93
CA GLU C 104 0.70 -3.57 -19.81
C GLU C 104 0.32 -3.50 -18.33
N THR C 105 -0.39 -2.45 -17.93
CA THR C 105 -1.04 -2.36 -16.61
C THR C 105 -2.24 -3.32 -16.59
N PRO C 106 -2.64 -3.85 -15.41
CA PRO C 106 -3.88 -4.63 -15.34
C PRO C 106 -5.08 -3.82 -15.86
N GLU C 107 -5.13 -2.52 -15.54
CA GLU C 107 -6.26 -1.64 -15.93
C GLU C 107 -6.33 -1.59 -17.46
N ALA C 108 -5.18 -1.50 -18.13
CA ALA C 108 -5.10 -1.34 -19.60
C ALA C 108 -5.51 -2.67 -20.24
N ALA C 109 -5.01 -3.77 -19.70
CA ALA C 109 -5.39 -5.14 -20.13
C ALA C 109 -6.91 -5.29 -20.06
N ALA C 110 -7.51 -4.82 -18.97
CA ALA C 110 -8.95 -5.00 -18.68
C ALA C 110 -9.76 -4.31 -19.79
N LEU C 111 -9.46 -3.06 -20.11
CA LEU C 111 -10.22 -2.30 -21.13
C LEU C 111 -9.92 -2.88 -22.53
N ARG C 112 -8.69 -3.31 -22.77
CA ARG C 112 -8.31 -3.97 -24.05
C ARG C 112 -9.10 -5.27 -24.22
N GLU C 113 -9.01 -6.19 -23.27
CA GLU C 113 -9.71 -7.50 -23.35
C GLU C 113 -11.23 -7.28 -23.44
N LEU C 114 -11.76 -6.33 -22.67
CA LEU C 114 -13.23 -6.06 -22.67
C LEU C 114 -13.63 -5.67 -24.09
N GLU C 115 -12.92 -4.71 -24.67
CA GLU C 115 -13.25 -4.18 -26.02
C GLU C 115 -13.12 -5.30 -27.06
N GLU C 116 -12.03 -6.09 -27.04
CA GLU C 116 -11.80 -7.19 -28.01
C GLU C 116 -12.90 -8.26 -27.91
N GLU C 117 -13.34 -8.60 -26.70
CA GLU C 117 -14.17 -9.81 -26.47
C GLU C 117 -15.65 -9.44 -26.58
N THR C 118 -16.02 -8.19 -26.29
CA THR C 118 -17.45 -7.76 -26.22
C THR C 118 -17.77 -6.62 -27.21
N GLY C 119 -16.78 -5.82 -27.60
CA GLY C 119 -16.94 -4.57 -28.36
C GLY C 119 -17.28 -3.38 -27.47
N TYR C 120 -17.50 -3.58 -26.17
CA TYR C 120 -17.83 -2.45 -25.27
C TYR C 120 -16.60 -1.61 -24.95
N LYS C 121 -16.81 -0.30 -24.88
CA LYS C 121 -15.81 0.68 -24.40
C LYS C 121 -16.17 1.09 -22.97
N GLY C 122 -15.32 0.74 -22.02
CA GLY C 122 -15.62 0.86 -20.58
C GLY C 122 -14.70 1.84 -19.90
N ASP C 123 -14.98 2.08 -18.63
CA ASP C 123 -14.21 2.98 -17.74
C ASP C 123 -13.83 2.13 -16.51
N ILE C 124 -12.57 2.20 -16.08
CA ILE C 124 -12.13 1.51 -14.83
C ILE C 124 -12.92 2.06 -13.66
N ALA C 125 -13.50 1.18 -12.85
CA ALA C 125 -14.12 1.55 -11.54
C ALA C 125 -13.16 1.19 -10.41
N GLU C 126 -12.66 -0.04 -10.40
CA GLU C 126 -11.90 -0.59 -9.25
C GLU C 126 -11.01 -1.71 -9.78
N CYS C 127 -9.89 -1.97 -9.11
CA CYS C 127 -8.95 -3.04 -9.51
C CYS C 127 -8.54 -3.80 -8.25
N SER C 128 -8.79 -5.10 -8.20
CA SER C 128 -8.40 -5.97 -7.05
C SER C 128 -6.89 -6.05 -6.99
N PRO C 129 -6.36 -6.47 -5.81
CA PRO C 129 -5.00 -7.00 -5.76
C PRO C 129 -4.94 -8.35 -6.52
N ALA C 130 -3.75 -8.89 -6.77
CA ALA C 130 -3.58 -10.23 -7.40
C ALA C 130 -4.23 -11.27 -6.50
N VAL C 131 -5.23 -12.01 -7.02
CA VAL C 131 -6.05 -13.01 -6.27
C VAL C 131 -5.84 -14.35 -6.99
N CYS C 132 -5.76 -15.44 -6.21
CA CYS C 132 -5.43 -16.78 -6.74
C CYS C 132 -6.68 -17.45 -7.36
N MET C 133 -6.49 -18.24 -8.40
CA MET C 133 -7.56 -18.95 -9.15
C MET C 133 -7.88 -20.31 -8.54
N ASP C 134 -6.84 -21.06 -8.15
CA ASP C 134 -7.01 -22.45 -7.67
C ASP C 134 -5.73 -22.80 -6.90
N PRO C 135 -5.59 -22.26 -5.67
CA PRO C 135 -4.28 -22.22 -4.99
C PRO C 135 -3.80 -23.60 -4.51
N GLY C 136 -4.71 -24.57 -4.37
CA GLY C 136 -4.40 -26.00 -4.14
C GLY C 136 -3.75 -26.66 -5.35
N LEU C 137 -3.75 -26.01 -6.50
CA LEU C 137 -3.39 -26.65 -7.79
C LEU C 137 -2.35 -25.83 -8.54
N SER C 138 -2.51 -24.52 -8.60
CA SER C 138 -1.68 -23.65 -9.47
C SER C 138 -1.32 -22.40 -8.68
N ASN C 139 -0.34 -21.67 -9.16
CA ASN C 139 0.05 -20.35 -8.58
C ASN C 139 -0.69 -19.24 -9.33
N CYS C 140 -1.62 -19.61 -10.23
CA CYS C 140 -2.16 -18.65 -11.24
C CYS C 140 -2.93 -17.53 -10.54
N THR C 141 -2.74 -16.29 -10.96
CA THR C 141 -3.37 -15.11 -10.31
C THR C 141 -3.99 -14.22 -11.37
N ILE C 142 -5.00 -13.45 -10.96
CA ILE C 142 -5.56 -12.36 -11.79
C ILE C 142 -5.74 -11.12 -10.93
N HIS C 143 -5.91 -9.97 -11.59
CA HIS C 143 -6.67 -8.83 -11.04
C HIS C 143 -8.11 -8.93 -11.53
N ILE C 144 -9.06 -8.81 -10.62
CA ILE C 144 -10.48 -8.62 -10.93
C ILE C 144 -10.69 -7.11 -11.04
N VAL C 145 -10.98 -6.67 -12.26
CA VAL C 145 -11.14 -5.24 -12.59
C VAL C 145 -12.63 -4.99 -12.88
N THR C 146 -13.26 -4.21 -12.01
CA THR C 146 -14.65 -3.71 -12.20
C THR C 146 -14.59 -2.60 -13.23
N VAL C 147 -15.39 -2.73 -14.29
CA VAL C 147 -15.40 -1.73 -15.39
C VAL C 147 -16.84 -1.31 -15.64
N THR C 148 -17.13 -0.02 -15.68
CA THR C 148 -18.50 0.47 -16.00
C THR C 148 -18.58 0.69 -17.50
N ILE C 149 -19.72 0.36 -18.09
CA ILE C 149 -19.94 0.65 -19.53
C ILE C 149 -21.13 1.59 -19.63
N ASN C 150 -20.94 2.78 -20.20
CA ASN C 150 -22.06 3.69 -20.54
C ASN C 150 -22.78 3.12 -21.76
N GLY C 151 -23.81 2.35 -21.51
CA GLY C 151 -24.68 1.72 -22.53
C GLY C 151 -25.47 2.73 -23.34
N ASP C 152 -25.60 3.97 -22.89
CA ASP C 152 -26.37 5.03 -23.60
C ASP C 152 -25.45 5.88 -24.48
N ASP C 153 -24.14 5.79 -24.32
CA ASP C 153 -23.22 6.53 -25.23
C ASP C 153 -23.35 5.93 -26.63
N ALA C 154 -23.40 6.77 -27.65
CA ALA C 154 -23.52 6.36 -29.06
C ALA C 154 -22.37 5.39 -29.38
N GLU C 155 -21.17 5.63 -28.84
CA GLU C 155 -19.96 4.81 -29.11
C GLU C 155 -20.22 3.36 -28.68
N ASN C 156 -21.15 3.11 -27.75
CA ASN C 156 -21.47 1.74 -27.28
C ASN C 156 -22.76 1.24 -27.94
N ALA C 157 -23.32 1.97 -28.90
CA ALA C 157 -24.64 1.65 -29.52
C ALA C 157 -24.59 0.30 -30.22
N ARG C 158 -23.53 0.01 -30.98
CA ARG C 158 -23.47 -1.21 -31.81
C ARG C 158 -22.16 -1.92 -31.51
N PRO C 159 -21.96 -2.46 -30.28
CA PRO C 159 -20.66 -3.01 -29.89
C PRO C 159 -20.29 -4.20 -30.78
N LYS C 160 -19.07 -4.25 -31.33
CA LYS C 160 -18.61 -5.38 -32.17
C LYS C 160 -17.32 -5.93 -31.59
N PRO C 161 -17.32 -7.16 -31.04
CA PRO C 161 -16.09 -7.79 -30.60
C PRO C 161 -15.14 -7.72 -31.79
N LYS C 162 -13.85 -7.46 -31.55
CA LYS C 162 -12.75 -7.68 -32.53
C LYS C 162 -11.78 -8.64 -31.85
N PRO C 163 -12.04 -9.96 -31.86
CA PRO C 163 -11.19 -10.91 -31.13
C PRO C 163 -10.04 -11.41 -32.00
N GLY C 164 -8.96 -11.88 -31.38
CA GLY C 164 -7.80 -12.47 -32.08
C GLY C 164 -8.22 -13.67 -32.92
N ASP C 165 -7.43 -14.03 -33.93
CA ASP C 165 -7.70 -15.25 -34.76
C ASP C 165 -7.64 -16.43 -33.80
N GLY C 166 -8.48 -17.45 -33.99
CA GLY C 166 -8.58 -18.58 -33.05
C GLY C 166 -9.33 -18.23 -31.78
N GLU C 167 -9.74 -16.96 -31.58
CA GLU C 167 -10.67 -16.54 -30.48
C GLU C 167 -12.08 -16.45 -31.07
N PHE C 168 -13.04 -17.12 -30.44
CA PHE C 168 -14.46 -17.20 -30.88
C PHE C 168 -15.35 -16.97 -29.66
N VAL C 169 -15.93 -15.78 -29.56
CA VAL C 169 -16.58 -15.30 -28.31
C VAL C 169 -18.00 -14.90 -28.65
N GLU C 170 -18.96 -15.36 -27.85
CA GLU C 170 -20.37 -14.90 -27.89
C GLU C 170 -20.61 -14.08 -26.62
N VAL C 171 -21.34 -12.98 -26.77
CA VAL C 171 -21.54 -12.03 -25.65
C VAL C 171 -22.94 -12.29 -25.13
N ILE C 172 -23.05 -12.38 -23.80
CA ILE C 172 -24.33 -12.56 -23.07
C ILE C 172 -24.36 -11.51 -21.96
N SER C 173 -25.36 -10.64 -21.98
CA SER C 173 -25.58 -9.60 -20.94
C SER C 173 -26.78 -10.00 -20.09
N LEU C 174 -26.56 -10.17 -18.79
CA LEU C 174 -27.63 -10.65 -17.87
C LEU C 174 -27.86 -9.60 -16.79
N PRO C 175 -29.11 -9.41 -16.31
CA PRO C 175 -29.41 -8.36 -15.36
C PRO C 175 -28.75 -8.70 -14.02
N LYS C 176 -28.11 -7.72 -13.42
CA LYS C 176 -27.37 -7.91 -12.15
C LYS C 176 -28.37 -8.37 -11.08
N ASN C 177 -29.59 -7.84 -11.11
CA ASN C 177 -30.61 -8.06 -10.04
C ASN C 177 -31.24 -9.45 -10.20
N ASP C 178 -30.85 -10.23 -11.20
CA ASP C 178 -31.40 -11.60 -11.39
C ASP C 178 -30.32 -12.55 -11.91
N LEU C 179 -29.05 -12.31 -11.57
CA LEU C 179 -27.90 -12.97 -12.24
C LEU C 179 -27.97 -14.48 -12.02
N LEU C 180 -28.03 -14.95 -10.76
CA LEU C 180 -27.99 -16.39 -10.44
C LEU C 180 -29.12 -17.15 -11.16
N GLN C 181 -30.37 -16.72 -11.02
CA GLN C 181 -31.54 -17.35 -11.73
C GLN C 181 -31.27 -17.37 -13.24
N ARG C 182 -30.79 -16.29 -13.82
CA ARG C 182 -30.57 -16.26 -15.29
C ARG C 182 -29.41 -17.19 -15.65
N LEU C 183 -28.39 -17.35 -14.81
CA LEU C 183 -27.29 -18.31 -15.06
C LEU C 183 -27.84 -19.75 -15.02
N ASP C 184 -28.58 -20.05 -13.95
CA ASP C 184 -29.32 -21.33 -13.75
C ASP C 184 -30.10 -21.67 -15.03
N ALA C 185 -30.81 -20.70 -15.62
CA ALA C 185 -31.68 -20.91 -16.80
C ALA C 185 -30.85 -21.20 -18.06
N LEU C 186 -29.64 -20.64 -18.21
CA LEU C 186 -28.77 -20.94 -19.39
C LEU C 186 -28.19 -22.35 -19.27
N VAL C 187 -27.82 -22.73 -18.05
CA VAL C 187 -27.28 -24.06 -17.65
C VAL C 187 -28.34 -25.13 -17.94
N ALA C 188 -29.62 -24.78 -17.80
CA ALA C 188 -30.78 -25.71 -17.98
C ALA C 188 -31.02 -25.96 -19.46
N GLU C 189 -30.88 -24.93 -20.29
CA GLU C 189 -31.24 -24.98 -21.73
C GLU C 189 -30.17 -25.69 -22.57
N GLU C 190 -28.90 -25.68 -22.11
CA GLU C 190 -27.71 -26.10 -22.91
C GLU C 190 -26.67 -26.74 -22.00
N HIS C 191 -25.82 -27.62 -22.54
CA HIS C 191 -24.58 -28.10 -21.87
C HIS C 191 -23.56 -26.96 -21.88
N LEU C 192 -23.46 -26.23 -20.77
CA LEU C 192 -22.40 -25.22 -20.58
C LEU C 192 -22.07 -25.14 -19.10
N THR C 193 -20.87 -24.62 -18.83
CA THR C 193 -20.33 -24.55 -17.46
C THR C 193 -20.15 -23.08 -17.13
N VAL C 194 -20.66 -22.66 -15.98
CA VAL C 194 -20.45 -21.29 -15.45
C VAL C 194 -19.10 -21.26 -14.74
N ASP C 195 -18.34 -20.19 -14.92
CA ASP C 195 -17.07 -19.97 -14.19
C ASP C 195 -17.35 -19.85 -12.68
N ALA C 196 -16.45 -20.34 -11.83
CA ALA C 196 -16.62 -20.29 -10.35
C ALA C 196 -16.64 -18.85 -9.81
N ARG C 197 -15.92 -17.92 -10.43
CA ARG C 197 -15.89 -16.51 -9.95
C ARG C 197 -17.20 -15.84 -10.34
N VAL C 198 -17.70 -16.12 -11.54
CA VAL C 198 -19.05 -15.63 -11.97
C VAL C 198 -20.11 -16.13 -10.98
N TYR C 199 -20.12 -17.42 -10.68
CA TYR C 199 -21.13 -18.02 -9.79
C TYR C 199 -21.02 -17.48 -8.36
N SER C 200 -19.81 -17.25 -7.84
CA SER C 200 -19.58 -16.66 -6.49
C SER C 200 -20.13 -15.24 -6.50
N TYR C 201 -19.87 -14.51 -7.58
CA TYR C 201 -20.36 -13.13 -7.72
C TYR C 201 -21.90 -13.18 -7.72
N ALA C 202 -22.51 -14.07 -8.50
CA ALA C 202 -23.98 -14.18 -8.56
C ALA C 202 -24.57 -14.58 -7.20
N LEU C 203 -23.90 -15.46 -6.46
CA LEU C 203 -24.39 -15.92 -5.12
C LEU C 203 -24.44 -14.72 -4.16
N ALA C 204 -23.34 -13.94 -4.10
CA ALA C 204 -23.25 -12.78 -3.19
C ALA C 204 -24.33 -11.75 -3.57
N LEU C 205 -24.60 -11.56 -4.88
CA LEU C 205 -25.60 -10.57 -5.28
C LEU C 205 -26.94 -10.99 -4.63
N LYS C 206 -27.30 -12.26 -4.73
CA LYS C 206 -28.53 -12.87 -4.13
C LYS C 206 -28.52 -12.74 -2.60
N HIS C 207 -27.38 -13.00 -1.96
CA HIS C 207 -27.24 -13.07 -0.48
C HIS C 207 -27.22 -11.69 0.19
N ALA C 208 -26.88 -10.63 -0.54
CA ALA C 208 -26.95 -9.25 0.00
C ALA C 208 -28.42 -8.92 0.29
N LYS D 15 -20.93 -26.77 -32.65
CA LYS D 15 -20.00 -26.04 -33.56
C LYS D 15 -18.57 -26.56 -33.35
N GLN D 16 -17.97 -26.35 -32.17
CA GLN D 16 -16.57 -26.78 -31.87
C GLN D 16 -16.60 -28.10 -31.11
N TYR D 17 -15.51 -28.89 -31.16
CA TYR D 17 -15.44 -30.19 -30.47
C TYR D 17 -13.99 -30.64 -30.28
N ILE D 18 -13.79 -31.58 -29.37
CA ILE D 18 -12.48 -32.22 -29.07
C ILE D 18 -12.30 -33.29 -30.15
N ILE D 19 -11.17 -33.25 -30.86
CA ILE D 19 -10.77 -34.27 -31.85
C ILE D 19 -9.92 -35.32 -31.12
N SER D 20 -8.99 -34.90 -30.24
CA SER D 20 -8.09 -35.82 -29.48
C SER D 20 -7.43 -35.16 -28.26
N GLU D 21 -6.97 -36.02 -27.35
CA GLU D 21 -6.32 -35.67 -26.06
C GLU D 21 -5.04 -36.51 -25.88
N GLU D 22 -3.88 -35.94 -26.21
CA GLU D 22 -2.56 -36.62 -26.10
C GLU D 22 -2.02 -36.36 -24.70
N LEU D 23 -1.90 -37.41 -23.87
CA LEU D 23 -1.21 -37.35 -22.56
C LEU D 23 0.22 -36.89 -22.80
N ILE D 24 0.70 -35.89 -22.03
CA ILE D 24 2.10 -35.40 -22.12
C ILE D 24 2.86 -35.85 -20.87
N SER D 25 2.27 -35.70 -19.68
CA SER D 25 2.90 -36.10 -18.39
C SER D 25 1.80 -36.25 -17.31
N GLU D 26 1.91 -37.27 -16.47
CA GLU D 26 0.90 -37.67 -15.45
C GLU D 26 1.61 -37.97 -14.13
N GLY D 27 1.17 -37.36 -13.02
CA GLY D 27 1.70 -37.58 -11.66
C GLY D 27 0.62 -38.17 -10.77
N LYS D 28 0.82 -38.15 -9.45
CA LYS D 28 -0.12 -38.75 -8.46
C LYS D 28 -1.48 -38.03 -8.49
N TRP D 29 -1.47 -36.69 -8.56
CA TRP D 29 -2.68 -35.83 -8.37
C TRP D 29 -3.05 -35.03 -9.64
N VAL D 30 -2.11 -34.80 -10.57
CA VAL D 30 -2.24 -33.78 -11.65
C VAL D 30 -1.62 -34.32 -12.94
N LYS D 31 -2.19 -33.95 -14.10
CA LYS D 31 -1.74 -34.45 -15.44
C LYS D 31 -1.81 -33.31 -16.46
N LEU D 32 -1.06 -33.41 -17.56
CA LEU D 32 -0.91 -32.38 -18.63
C LEU D 32 -1.19 -33.05 -19.99
N GLU D 33 -1.97 -32.41 -20.86
CA GLU D 33 -2.37 -32.98 -22.17
C GLU D 33 -2.21 -31.95 -23.27
N LYS D 34 -1.82 -32.39 -24.46
CA LYS D 34 -2.12 -31.67 -25.72
C LYS D 34 -3.55 -32.04 -26.09
N THR D 35 -4.41 -31.02 -26.25
CA THR D 35 -5.81 -31.15 -26.69
C THR D 35 -5.90 -30.69 -28.14
N THR D 36 -6.40 -31.54 -29.03
CA THR D 36 -6.70 -31.14 -30.41
C THR D 36 -8.20 -30.90 -30.52
N TYR D 37 -8.60 -29.81 -31.15
CA TYR D 37 -10.03 -29.44 -31.27
C TYR D 37 -10.24 -28.75 -32.61
N MET D 38 -11.49 -28.77 -33.09
CA MET D 38 -11.94 -28.04 -34.29
C MET D 38 -12.52 -26.69 -33.85
N ASP D 39 -11.93 -25.59 -34.32
CA ASP D 39 -12.49 -24.23 -34.18
C ASP D 39 -13.75 -24.16 -35.05
N PRO D 40 -14.55 -23.09 -34.96
CA PRO D 40 -15.79 -23.03 -35.73
C PRO D 40 -15.53 -22.93 -37.24
N THR D 41 -14.42 -22.29 -37.65
CA THR D 41 -14.04 -22.07 -39.08
C THR D 41 -14.01 -23.42 -39.82
N GLY D 42 -13.65 -24.49 -39.11
CA GLY D 42 -13.40 -25.85 -39.65
C GLY D 42 -11.94 -26.24 -39.53
N LYS D 43 -11.17 -25.49 -38.76
CA LYS D 43 -9.68 -25.59 -38.66
C LYS D 43 -9.27 -26.30 -37.36
N THR D 44 -8.44 -27.34 -37.47
CA THR D 44 -7.80 -28.06 -36.34
C THR D 44 -6.86 -27.10 -35.61
N ARG D 45 -6.89 -27.11 -34.27
CA ARG D 45 -5.95 -26.34 -33.41
C ARG D 45 -5.60 -27.17 -32.18
N THR D 46 -4.60 -26.76 -31.41
CA THR D 46 -4.18 -27.50 -30.19
C THR D 46 -4.17 -26.58 -28.97
N TRP D 47 -4.12 -27.19 -27.79
CA TRP D 47 -4.20 -26.48 -26.49
C TRP D 47 -3.55 -27.34 -25.40
N GLU D 48 -2.70 -26.74 -24.57
CA GLU D 48 -2.13 -27.42 -23.39
C GLU D 48 -3.12 -27.29 -22.24
N SER D 49 -3.57 -28.42 -21.69
CA SER D 49 -4.64 -28.55 -20.66
C SER D 49 -4.12 -29.35 -19.47
N VAL D 50 -4.46 -28.90 -18.28
CA VAL D 50 -4.18 -29.59 -16.98
C VAL D 50 -5.49 -30.27 -16.55
N LYS D 51 -5.40 -31.49 -16.04
CA LYS D 51 -6.52 -32.23 -15.40
C LYS D 51 -6.02 -32.85 -14.11
N ARG D 52 -6.92 -33.11 -13.15
CA ARG D 52 -6.60 -33.93 -11.95
C ARG D 52 -6.79 -35.40 -12.33
N THR D 53 -6.00 -36.28 -11.71
CA THR D 53 -6.01 -37.75 -11.93
C THR D 53 -7.16 -38.38 -11.14
N THR D 54 -7.73 -37.64 -10.19
CA THR D 54 -8.44 -38.20 -9.01
C THR D 54 -9.95 -38.25 -9.22
N ARG D 55 -10.49 -37.77 -10.34
CA ARG D 55 -11.97 -37.71 -10.56
C ARG D 55 -12.49 -39.06 -11.07
N LYS D 56 -13.77 -39.39 -10.84
CA LYS D 56 -14.39 -40.66 -11.31
C LYS D 56 -15.91 -40.51 -11.50
N GLU D 57 -16.33 -39.98 -12.66
CA GLU D 57 -17.74 -39.89 -13.16
C GLU D 57 -18.63 -39.08 -12.19
N GLN D 58 -18.32 -39.14 -10.88
CA GLN D 58 -18.80 -38.23 -9.80
C GLN D 58 -18.66 -36.76 -10.24
N THR D 59 -19.69 -35.96 -9.92
CA THR D 59 -19.97 -34.61 -10.49
C THR D 59 -19.10 -33.56 -9.76
N ALA D 60 -17.89 -33.33 -10.28
CA ALA D 60 -16.96 -32.25 -9.91
C ALA D 60 -15.79 -32.83 -9.10
N ASP D 61 -14.63 -32.18 -9.14
CA ASP D 61 -13.43 -32.59 -8.37
C ASP D 61 -13.63 -32.28 -6.88
N GLY D 62 -14.15 -31.08 -6.56
CA GLY D 62 -14.24 -30.59 -5.18
C GLY D 62 -15.53 -29.88 -4.83
N VAL D 63 -15.61 -29.48 -3.57
CA VAL D 63 -16.56 -28.47 -3.09
C VAL D 63 -15.77 -27.29 -2.53
N ALA D 64 -16.39 -26.12 -2.58
CA ALA D 64 -15.99 -24.95 -1.78
C ALA D 64 -17.22 -24.56 -1.01
N VAL D 65 -17.06 -24.19 0.24
CA VAL D 65 -18.22 -23.89 1.13
C VAL D 65 -18.21 -22.40 1.43
N ILE D 66 -19.39 -21.78 1.29
CA ILE D 66 -19.70 -20.41 1.74
C ILE D 66 -20.47 -20.52 3.05
N PRO D 67 -19.77 -20.47 4.21
CA PRO D 67 -20.40 -20.70 5.51
C PRO D 67 -20.80 -19.36 6.18
N VAL D 68 -22.10 -19.11 6.30
CA VAL D 68 -22.73 -17.89 6.90
C VAL D 68 -23.04 -18.17 8.38
N LEU D 69 -22.24 -17.65 9.30
CA LEU D 69 -22.45 -17.85 10.76
C LEU D 69 -23.55 -16.87 11.24
N GLN D 70 -24.71 -17.39 11.66
CA GLN D 70 -25.89 -16.57 12.05
C GLN D 70 -26.20 -16.74 13.55
N ARG D 71 -26.22 -15.63 14.30
CA ARG D 71 -26.74 -15.53 15.69
C ARG D 71 -27.86 -14.48 15.72
N THR D 72 -29.00 -14.76 16.36
CA THR D 72 -30.12 -13.78 16.51
C THR D 72 -29.56 -12.53 17.18
N LEU D 73 -30.06 -11.35 16.80
CA LEU D 73 -29.61 -10.06 17.38
C LEU D 73 -28.13 -9.74 17.11
N HIS D 74 -27.52 -10.36 16.09
CA HIS D 74 -26.11 -10.09 15.74
C HIS D 74 -25.92 -10.09 14.20
N TYR D 75 -24.84 -9.49 13.72
CA TYR D 75 -24.47 -9.42 12.28
C TYR D 75 -24.11 -10.84 11.82
N GLU D 76 -24.20 -11.14 10.51
CA GLU D 76 -23.70 -12.40 9.92
C GLU D 76 -22.20 -12.28 9.67
N CYS D 77 -21.50 -13.41 9.81
CA CYS D 77 -20.07 -13.58 9.49
C CYS D 77 -19.90 -14.70 8.46
N ILE D 78 -18.87 -14.54 7.65
CA ILE D 78 -18.50 -15.49 6.58
C ILE D 78 -17.26 -16.17 7.13
N VAL D 79 -17.35 -17.47 7.34
CA VAL D 79 -16.21 -18.21 7.94
C VAL D 79 -15.27 -18.59 6.79
N LEU D 80 -14.06 -18.08 6.82
CA LEU D 80 -13.03 -18.40 5.81
C LEU D 80 -11.98 -19.21 6.51
N VAL D 81 -11.00 -19.73 5.75
CA VAL D 81 -9.85 -20.46 6.32
C VAL D 81 -8.59 -19.94 5.66
N LYS D 82 -7.50 -19.91 6.43
CA LYS D 82 -6.15 -19.57 5.94
C LYS D 82 -5.27 -20.81 6.10
N GLN D 83 -4.51 -21.10 5.06
CA GLN D 83 -3.55 -22.23 5.04
C GLN D 83 -2.47 -21.89 4.03
N PHE D 84 -1.32 -22.53 4.18
CA PHE D 84 -0.16 -22.47 3.26
C PHE D 84 -0.51 -23.30 2.02
N ARG D 85 -0.24 -22.74 0.84
CA ARG D 85 -0.55 -23.37 -0.46
C ARG D 85 0.76 -23.53 -1.22
N PRO D 86 1.33 -24.75 -1.24
CA PRO D 86 2.59 -24.98 -1.91
C PRO D 86 2.67 -24.41 -3.32
N PRO D 87 1.62 -24.56 -4.16
CA PRO D 87 1.67 -23.98 -5.50
C PRO D 87 1.86 -22.45 -5.45
N MET D 88 1.29 -21.78 -4.44
CA MET D 88 1.32 -20.30 -4.27
C MET D 88 2.58 -19.87 -3.51
N GLY D 89 3.29 -20.82 -2.88
CA GLY D 89 4.44 -20.44 -2.05
C GLY D 89 4.04 -19.55 -0.88
N GLY D 90 2.79 -19.59 -0.44
CA GLY D 90 2.37 -18.59 0.55
C GLY D 90 1.04 -18.96 1.11
N TYR D 91 0.61 -18.22 2.12
CA TYR D 91 -0.68 -18.44 2.79
C TYR D 91 -1.78 -17.84 1.92
N CYS D 92 -2.94 -18.49 1.89
CA CYS D 92 -4.09 -18.05 1.10
C CYS D 92 -5.32 -18.04 2.00
N ILE D 93 -6.20 -17.08 1.75
CA ILE D 93 -7.49 -16.95 2.47
C ILE D 93 -8.54 -17.42 1.47
N GLU D 94 -9.25 -18.47 1.84
CA GLU D 94 -10.18 -19.19 0.92
C GLU D 94 -11.42 -19.57 1.68
N PHE D 95 -12.46 -19.88 0.93
CA PHE D 95 -13.63 -20.60 1.47
C PHE D 95 -13.13 -21.99 1.86
N PRO D 96 -13.66 -22.61 2.93
CA PRO D 96 -13.32 -23.99 3.22
C PRO D 96 -13.65 -24.84 1.99
N ALA D 97 -12.77 -25.78 1.67
CA ALA D 97 -12.84 -26.52 0.39
C ALA D 97 -12.15 -27.87 0.57
N GLY D 98 -12.58 -28.85 -0.21
CA GLY D 98 -11.95 -30.18 -0.26
C GLY D 98 -12.42 -30.98 -1.44
N LEU D 99 -11.67 -32.02 -1.81
CA LEU D 99 -12.13 -32.97 -2.86
C LEU D 99 -13.29 -33.79 -2.31
N ILE D 100 -14.21 -34.14 -3.21
CA ILE D 100 -15.36 -35.04 -2.92
C ILE D 100 -14.79 -36.47 -2.92
N ASP D 101 -15.12 -37.23 -1.87
CA ASP D 101 -14.74 -38.66 -1.68
C ASP D 101 -15.62 -39.50 -2.63
N ASP D 102 -15.11 -40.60 -3.20
CA ASP D 102 -15.89 -41.49 -4.11
C ASP D 102 -17.20 -41.89 -3.42
N GLY D 103 -18.35 -41.67 -4.07
CA GLY D 103 -19.69 -42.09 -3.63
C GLY D 103 -20.25 -41.23 -2.50
N GLU D 104 -19.73 -40.02 -2.33
CA GLU D 104 -20.18 -39.02 -1.32
C GLU D 104 -20.85 -37.89 -2.09
N THR D 105 -22.02 -37.41 -1.67
CA THR D 105 -22.75 -36.31 -2.35
C THR D 105 -21.95 -35.02 -2.17
N PRO D 106 -22.07 -34.00 -3.06
CA PRO D 106 -21.45 -32.69 -2.83
C PRO D 106 -21.87 -32.05 -1.49
N GLU D 107 -23.17 -32.11 -1.16
CA GLU D 107 -23.76 -31.56 0.08
C GLU D 107 -23.04 -32.18 1.27
N ALA D 108 -22.82 -33.49 1.26
CA ALA D 108 -22.26 -34.22 2.44
C ALA D 108 -20.78 -33.85 2.53
N ALA D 109 -20.10 -33.73 1.39
CA ALA D 109 -18.69 -33.30 1.33
C ALA D 109 -18.57 -31.89 1.96
N ALA D 110 -19.47 -30.98 1.59
CA ALA D 110 -19.48 -29.59 2.12
C ALA D 110 -19.55 -29.63 3.65
N LEU D 111 -20.62 -30.23 4.21
CA LEU D 111 -20.81 -30.26 5.68
C LEU D 111 -19.61 -30.98 6.32
N ARG D 112 -19.08 -32.01 5.66
CA ARG D 112 -17.92 -32.77 6.22
C ARG D 112 -16.70 -31.86 6.21
N GLU D 113 -16.38 -31.29 5.07
CA GLU D 113 -15.17 -30.42 4.89
C GLU D 113 -15.30 -29.14 5.76
N LEU D 114 -16.51 -28.61 5.93
CA LEU D 114 -16.69 -27.40 6.78
C LEU D 114 -16.38 -27.73 8.26
N GLU D 115 -16.99 -28.81 8.78
CA GLU D 115 -16.75 -29.29 10.17
C GLU D 115 -15.29 -29.70 10.35
N GLU D 116 -14.68 -30.36 9.36
CA GLU D 116 -13.23 -30.71 9.41
C GLU D 116 -12.39 -29.44 9.56
N GLU D 117 -12.64 -28.43 8.71
CA GLU D 117 -11.68 -27.30 8.55
C GLU D 117 -12.02 -26.22 9.58
N THR D 118 -13.26 -26.15 10.08
CA THR D 118 -13.76 -25.04 10.95
C THR D 118 -14.33 -25.52 12.30
N GLY D 119 -14.82 -26.76 12.40
CA GLY D 119 -15.50 -27.29 13.59
C GLY D 119 -17.00 -27.07 13.54
N TYR D 120 -17.50 -26.23 12.62
CA TYR D 120 -18.94 -25.85 12.60
C TYR D 120 -19.78 -26.97 11.98
N LYS D 121 -21.00 -27.14 12.48
CA LYS D 121 -22.05 -28.03 11.95
C LYS D 121 -23.04 -27.13 11.23
N GLY D 122 -23.07 -27.19 9.89
CA GLY D 122 -23.86 -26.32 9.04
C GLY D 122 -25.15 -26.99 8.61
N ASP D 123 -26.06 -26.21 8.04
CA ASP D 123 -27.27 -26.69 7.32
C ASP D 123 -27.12 -26.26 5.87
N ILE D 124 -27.39 -27.17 4.93
CA ILE D 124 -27.38 -26.86 3.49
C ILE D 124 -28.45 -25.80 3.23
N ALA D 125 -28.07 -24.69 2.59
CA ALA D 125 -28.98 -23.65 2.05
C ALA D 125 -29.15 -23.87 0.53
N GLU D 126 -28.07 -24.16 -0.19
CA GLU D 126 -28.12 -24.37 -1.66
C GLU D 126 -26.79 -24.92 -2.15
N CYS D 127 -26.82 -25.48 -3.35
CA CYS D 127 -25.64 -26.14 -3.96
C CYS D 127 -25.63 -25.80 -5.45
N SER D 128 -24.51 -25.30 -5.95
CA SER D 128 -24.29 -24.93 -7.37
C SER D 128 -24.22 -26.20 -8.19
N PRO D 129 -24.49 -26.15 -9.51
CA PRO D 129 -23.99 -27.18 -10.41
C PRO D 129 -22.46 -27.07 -10.41
N ALA D 130 -21.80 -28.00 -11.08
CA ALA D 130 -20.35 -27.99 -11.24
C ALA D 130 -19.93 -26.71 -11.98
N VAL D 131 -18.98 -25.98 -11.40
CA VAL D 131 -18.49 -24.68 -11.96
C VAL D 131 -16.99 -24.82 -12.16
N CYS D 132 -16.46 -24.19 -13.21
CA CYS D 132 -15.07 -24.39 -13.67
C CYS D 132 -14.13 -23.45 -12.91
N MET D 133 -13.01 -23.98 -12.47
CA MET D 133 -12.06 -23.26 -11.59
C MET D 133 -11.16 -22.34 -12.40
N ASP D 134 -10.73 -22.75 -13.59
CA ASP D 134 -9.85 -21.93 -14.47
C ASP D 134 -9.87 -22.58 -15.84
N PRO D 135 -10.91 -22.31 -16.66
CA PRO D 135 -11.24 -23.19 -17.79
C PRO D 135 -10.27 -23.10 -18.97
N GLY D 136 -9.54 -21.99 -19.11
CA GLY D 136 -8.48 -21.86 -20.12
C GLY D 136 -7.21 -22.61 -19.72
N LEU D 137 -7.13 -23.12 -18.51
CA LEU D 137 -5.93 -23.85 -18.00
C LEU D 137 -6.26 -25.33 -17.76
N SER D 138 -7.32 -25.61 -17.01
CA SER D 138 -7.64 -26.92 -16.40
C SER D 138 -9.10 -27.30 -16.66
N ASN D 139 -9.45 -28.57 -16.39
CA ASN D 139 -10.84 -29.06 -16.54
C ASN D 139 -11.47 -29.03 -15.15
N CYS D 140 -10.78 -28.49 -14.16
CA CYS D 140 -11.15 -28.65 -12.74
C CYS D 140 -12.46 -27.92 -12.45
N THR D 141 -13.35 -28.61 -11.74
CA THR D 141 -14.68 -28.09 -11.35
C THR D 141 -14.89 -28.26 -9.84
N ILE D 142 -15.77 -27.44 -9.28
CA ILE D 142 -16.29 -27.62 -7.90
C ILE D 142 -17.81 -27.41 -7.90
N HIS D 143 -18.46 -27.86 -6.83
CA HIS D 143 -19.76 -27.32 -6.40
C HIS D 143 -19.45 -26.27 -5.34
N ILE D 144 -20.02 -25.07 -5.51
CA ILE D 144 -20.08 -24.06 -4.43
C ILE D 144 -21.34 -24.33 -3.60
N VAL D 145 -21.15 -24.65 -2.32
CA VAL D 145 -22.27 -25.01 -1.40
C VAL D 145 -22.40 -23.90 -0.37
N THR D 146 -23.56 -23.23 -0.35
CA THR D 146 -23.92 -22.20 0.66
C THR D 146 -24.45 -22.93 1.88
N VAL D 147 -23.86 -22.70 3.06
CA VAL D 147 -24.20 -23.43 4.32
C VAL D 147 -24.43 -22.41 5.43
N THR D 148 -25.60 -22.47 6.08
CA THR D 148 -25.91 -21.62 7.26
C THR D 148 -25.45 -22.35 8.51
N ILE D 149 -24.81 -21.63 9.42
CA ILE D 149 -24.38 -22.15 10.74
C ILE D 149 -25.29 -21.49 11.76
N ASN D 150 -26.04 -22.30 12.52
CA ASN D 150 -26.93 -21.83 13.62
C ASN D 150 -26.05 -21.60 14.84
N GLY D 151 -25.47 -20.39 14.97
CA GLY D 151 -24.45 -20.07 15.98
C GLY D 151 -25.05 -19.96 17.38
N ASP D 152 -26.37 -20.13 17.52
CA ASP D 152 -27.11 -20.15 18.81
C ASP D 152 -27.27 -21.60 19.33
N ASP D 153 -26.25 -22.45 19.13
CA ASP D 153 -26.25 -23.90 19.45
C ASP D 153 -24.82 -24.33 19.73
N GLU D 155 -23.37 -26.94 19.90
CA GLU D 155 -22.17 -27.48 19.21
C GLU D 155 -21.41 -26.33 18.58
N ASN D 156 -22.14 -25.29 18.16
CA ASN D 156 -21.55 -24.14 17.44
C ASN D 156 -21.11 -23.06 18.45
N ALA D 157 -21.16 -23.35 19.76
CA ALA D 157 -20.74 -22.44 20.84
C ALA D 157 -19.27 -22.03 20.60
N ARG D 158 -18.31 -22.94 20.78
CA ARG D 158 -16.85 -22.64 20.64
C ARG D 158 -16.10 -23.82 20.05
N PRO D 159 -16.61 -24.49 18.99
CA PRO D 159 -15.95 -25.67 18.41
C PRO D 159 -14.60 -25.37 17.74
N LYS D 160 -13.80 -26.43 17.52
CA LYS D 160 -12.42 -26.40 16.94
C LYS D 160 -12.30 -27.44 15.83
N PRO D 161 -11.42 -27.22 14.83
CA PRO D 161 -11.36 -28.07 13.64
C PRO D 161 -10.72 -29.44 13.89
N LYS D 162 -11.17 -30.50 13.21
CA LYS D 162 -10.50 -31.84 13.15
C LYS D 162 -9.84 -32.04 11.78
N PRO D 163 -8.62 -31.51 11.57
CA PRO D 163 -7.93 -31.71 10.30
C PRO D 163 -7.50 -33.17 10.10
N GLY D 164 -7.30 -33.57 8.85
CA GLY D 164 -6.54 -34.78 8.47
C GLY D 164 -5.06 -34.57 8.71
N ASP D 165 -4.23 -35.60 8.47
CA ASP D 165 -2.75 -35.51 8.61
C ASP D 165 -2.29 -34.52 7.54
N GLY D 166 -1.29 -33.69 7.84
CA GLY D 166 -0.74 -32.67 6.93
C GLY D 166 -1.74 -31.59 6.56
N GLU D 167 -2.84 -31.44 7.32
CA GLU D 167 -3.86 -30.38 7.11
C GLU D 167 -3.76 -29.38 8.26
N PHE D 168 -3.32 -28.14 7.96
CA PHE D 168 -3.08 -27.04 8.94
C PHE D 168 -3.86 -25.79 8.49
N VAL D 169 -4.95 -25.46 9.17
CA VAL D 169 -5.91 -24.39 8.74
C VAL D 169 -6.25 -23.50 9.94
N GLU D 170 -6.10 -22.16 9.79
CA GLU D 170 -6.64 -21.12 10.71
C GLU D 170 -8.03 -20.71 10.22
N VAL D 171 -9.02 -20.70 11.10
CA VAL D 171 -10.38 -20.15 10.87
C VAL D 171 -10.27 -18.64 10.99
N ILE D 172 -10.83 -17.92 10.03
CA ILE D 172 -10.87 -16.44 9.98
C ILE D 172 -12.32 -16.08 9.71
N SER D 173 -13.03 -15.63 10.74
CA SER D 173 -14.48 -15.29 10.67
C SER D 173 -14.62 -13.77 10.50
N LEU D 174 -15.05 -13.31 9.32
CA LEU D 174 -15.14 -11.85 8.97
C LEU D 174 -16.58 -11.43 8.86
N PRO D 175 -16.88 -10.16 9.24
CA PRO D 175 -18.23 -9.64 9.13
C PRO D 175 -18.56 -9.64 7.64
N LYS D 176 -19.69 -10.23 7.29
CA LYS D 176 -20.27 -10.17 5.93
C LYS D 176 -20.34 -8.69 5.48
N ASN D 177 -20.73 -7.79 6.38
CA ASN D 177 -21.13 -6.41 6.08
C ASN D 177 -19.92 -5.54 5.68
N ASP D 178 -18.70 -6.00 5.93
CA ASP D 178 -17.52 -5.18 5.58
C ASP D 178 -16.48 -6.10 4.98
N LEU D 179 -16.92 -7.21 4.37
CA LEU D 179 -16.04 -8.31 3.94
C LEU D 179 -14.93 -7.78 3.03
N LEU D 180 -15.28 -6.98 2.04
CA LEU D 180 -14.31 -6.53 1.02
C LEU D 180 -13.22 -5.68 1.70
N GLN D 181 -13.60 -4.76 2.60
CA GLN D 181 -12.65 -3.80 3.24
C GLN D 181 -11.66 -4.62 4.09
N ARG D 182 -12.19 -5.61 4.79
CA ARG D 182 -11.41 -6.51 5.69
C ARG D 182 -10.40 -7.28 4.87
N LEU D 183 -10.80 -7.85 3.74
CA LEU D 183 -9.90 -8.59 2.83
C LEU D 183 -8.80 -7.64 2.35
N ASP D 184 -9.18 -6.47 1.84
CA ASP D 184 -8.16 -5.49 1.35
C ASP D 184 -7.19 -5.20 2.50
N ALA D 185 -7.70 -5.05 3.72
CA ALA D 185 -6.93 -4.69 4.93
C ALA D 185 -5.91 -5.77 5.24
N LEU D 186 -6.34 -7.04 5.20
CA LEU D 186 -5.45 -8.23 5.41
C LEU D 186 -4.35 -8.22 4.37
N VAL D 187 -4.69 -7.91 3.12
CA VAL D 187 -3.76 -7.93 1.97
C VAL D 187 -2.74 -6.79 2.07
N ALA D 188 -3.15 -5.65 2.64
CA ALA D 188 -2.27 -4.46 2.75
C ALA D 188 -1.18 -4.77 3.79
N GLU D 189 -1.53 -5.57 4.81
CA GLU D 189 -0.73 -5.70 6.06
C GLU D 189 0.01 -7.03 6.12
N GLU D 190 -0.48 -8.11 5.50
CA GLU D 190 0.07 -9.49 5.72
C GLU D 190 0.49 -10.14 4.40
N HIS D 191 1.47 -11.04 4.50
CA HIS D 191 2.01 -11.84 3.38
C HIS D 191 0.95 -12.90 3.12
N LEU D 192 -0.03 -12.60 2.30
CA LEU D 192 -1.06 -13.61 1.99
C LEU D 192 -1.79 -13.21 0.71
N THR D 193 -2.52 -14.15 0.13
CA THR D 193 -3.32 -13.97 -1.10
C THR D 193 -4.78 -14.33 -0.80
N VAL D 194 -5.70 -13.50 -1.26
CA VAL D 194 -7.15 -13.79 -1.15
C VAL D 194 -7.49 -14.58 -2.41
N ASP D 195 -8.40 -15.53 -2.24
CA ASP D 195 -8.88 -16.38 -3.33
C ASP D 195 -9.78 -15.53 -4.22
N ALA D 196 -9.70 -15.72 -5.53
CA ALA D 196 -10.54 -15.00 -6.52
C ALA D 196 -12.04 -15.20 -6.30
N ARG D 197 -12.45 -16.39 -5.84
CA ARG D 197 -13.89 -16.64 -5.58
C ARG D 197 -14.32 -15.87 -4.34
N VAL D 198 -13.47 -15.81 -3.31
CA VAL D 198 -13.82 -15.06 -2.07
C VAL D 198 -13.92 -13.56 -2.43
N TYR D 199 -12.98 -13.08 -3.23
CA TYR D 199 -12.89 -11.66 -3.63
C TYR D 199 -14.09 -11.31 -4.52
N SER D 200 -14.46 -12.16 -5.46
CA SER D 200 -15.67 -11.95 -6.31
C SER D 200 -16.89 -11.92 -5.40
N TYR D 201 -16.99 -12.81 -4.41
CA TYR D 201 -18.13 -12.83 -3.44
C TYR D 201 -18.21 -11.45 -2.75
N ALA D 202 -17.09 -10.99 -2.19
CA ALA D 202 -16.99 -9.72 -1.42
C ALA D 202 -17.33 -8.50 -2.31
N LEU D 203 -16.83 -8.48 -3.55
CA LEU D 203 -17.19 -7.41 -4.52
C LEU D 203 -18.71 -7.33 -4.71
N ALA D 204 -19.36 -8.46 -4.95
CA ALA D 204 -20.81 -8.53 -5.26
C ALA D 204 -21.63 -8.04 -4.06
N LEU D 205 -21.16 -8.24 -2.81
CA LEU D 205 -21.88 -7.72 -1.62
C LEU D 205 -21.93 -6.20 -1.68
N LYS D 206 -20.91 -5.56 -2.25
CA LYS D 206 -20.89 -4.09 -2.42
C LYS D 206 -21.69 -3.71 -3.66
N HIS D 207 -21.60 -4.49 -4.75
CA HIS D 207 -22.25 -4.13 -6.05
C HIS D 207 -23.76 -4.33 -6.02
N ALA D 208 -24.27 -5.23 -5.18
CA ALA D 208 -25.72 -5.53 -5.03
C ALA D 208 -26.48 -4.23 -4.84
N ASN D 209 -27.66 -4.14 -5.46
CA ASN D 209 -28.56 -2.95 -5.42
C ASN D 209 -27.97 -1.80 -6.24
MG MG E . 7.19 13.57 21.91
MG MG F . 7.53 12.04 24.91
CL CL G . 11.77 11.90 -9.17
N1 PWA H . 14.67 35.42 10.97
C4 PWA H . 13.92 35.27 8.32
C5 PWA H . 13.92 34.35 10.44
C6 PWA H . 14.67 36.38 8.74
C7 PWA H . 15.07 36.50 10.13
N PWA H . 13.54 34.23 9.15
C PWA H . 13.88 36.13 6.07
O PWA H . 15.72 37.42 10.61
C1 PWA H . 14.65 37.27 6.49
C2 PWA H . 15.03 37.38 7.83
C3 PWA H . 13.50 35.14 6.98
F PWA H . 13.51 35.95 4.77
C1 EDO I . 13.56 20.34 18.70
O1 EDO I . 12.97 21.62 18.36
C2 EDO I . 12.58 19.25 18.60
O2 EDO I . 12.12 19.05 17.27
C1 EDO J . 16.11 13.42 -18.81
O1 EDO J . 15.65 14.75 -18.76
C2 EDO J . 17.46 13.27 -19.43
O2 EDO J . 18.37 14.33 -19.16
MG MG K . 16.56 29.86 0.85
MG MG L . 15.43 33.86 -1.24
N1 PWA M . 7.22 25.06 24.17
C4 PWA M . 8.20 22.60 24.77
C5 PWA M . 8.05 24.34 23.30
C6 PWA M . 7.35 23.25 25.70
C7 PWA M . 6.85 24.54 25.41
N PWA M . 8.54 23.16 23.56
C PWA M . 8.33 20.75 26.22
O PWA M . 6.13 25.22 26.11
C1 PWA M . 7.47 21.38 27.16
C2 PWA M . 6.99 22.62 26.90
C3 PWA M . 8.70 21.33 25.00
F PWA M . 8.82 19.55 26.49
C1 EDO N . 10.41 27.58 6.50
O1 EDO N . 11.32 26.52 6.77
C2 EDO N . 9.51 27.85 7.63
O2 EDO N . 10.20 28.30 8.80
C1 EDO O . -18.76 6.66 -22.53
O1 EDO O . -18.59 5.36 -23.07
C2 EDO O . -18.02 6.84 -21.24
O2 EDO O . -17.09 7.90 -21.33
MG MG P . -8.88 -12.40 -25.04
MG MG Q . -10.21 -14.34 -23.04
C1 EDO R . -6.06 -16.87 -16.09
O1 EDO R . -7.24 -17.23 -15.39
C2 EDO R . -4.86 -17.36 -15.36
O2 EDO R . -4.87 -18.77 -15.22
C1 EDO S . -10.32 -28.17 -7.94
O1 EDO S . -9.02 -28.04 -8.50
C2 EDO S . -10.41 -27.68 -6.53
O2 EDO S . -10.25 -26.27 -6.44
C1 EDO T . -6.73 -18.37 -20.62
O1 EDO T . -6.04 -19.56 -20.25
C2 EDO T . -6.39 -17.93 -22.00
O2 EDO T . -7.51 -17.71 -22.83
N1 PWA U . -1.77 -31.65 -5.89
C4 PWA U . -3.92 -32.41 -4.33
C5 PWA U . -3.09 -31.26 -6.14
C6 PWA U . -2.64 -32.84 -3.96
C7 PWA U . -1.48 -32.46 -4.78
N PWA U . -4.13 -31.61 -5.41
C PWA U . -4.90 -33.52 -2.46
O PWA U . -0.32 -32.76 -4.61
C1 PWA U . -3.60 -33.98 -2.05
C2 PWA U . -2.47 -33.63 -2.81
C3 PWA U . -5.04 -32.74 -3.60
F PWA U . -6.01 -33.79 -1.71
C1 EDO V . -27.71 -18.11 3.25
O1 EDO V . -28.80 -18.43 2.41
C2 EDO V . -26.86 -17.07 2.67
O2 EDO V . -27.07 -15.83 3.28
MG MG W . -9.24 -27.95 2.20
MG MG X . -9.67 -30.19 2.44
N1 PWA Y . -3.09 -23.49 -22.49
C4 PWA Y . -3.22 -20.80 -22.87
C5 PWA Y . -3.36 -22.64 -21.44
C6 PWA Y . -2.94 -21.59 -23.98
C7 PWA Y . -2.85 -23.01 -23.80
N PWA Y . -3.44 -21.34 -21.58
C PWA Y . -3.14 -18.84 -24.29
O PWA Y . -2.55 -23.80 -24.69
C1 PWA Y . -2.88 -19.67 -25.43
C2 PWA Y . -2.78 -21.04 -25.25
C3 PWA Y . -3.31 -19.39 -23.02
F PWA Y . -3.23 -17.50 -24.44
#